data_4QJV
#
_entry.id   4QJV
#
_cell.length_a   76.598
_cell.length_b   88.169
_cell.length_c   102.907
_cell.angle_alpha   90.00
_cell.angle_beta   90.00
_cell.angle_gamma   90.00
#
_symmetry.space_group_name_H-M   'P 21 21 21'
#
loop_
_entity.id
_entity.type
_entity.pdbx_description
1 polymer 'DNA-directed RNA polymerase subunit D'
2 polymer 'DNA-directed RNA polymerase subunit L'
3 non-polymer 'PHOSPHATE ION'
4 water water
#
loop_
_entity_poly.entity_id
_entity_poly.type
_entity_poly.pdbx_seq_one_letter_code
_entity_poly.pdbx_strand_id
1 'polypeptide(L)'
;MVEFKILEKRPDSIKFIVSGVDVPFANALRRTILSEVPTFAVDEVEFLENDSALFDEIIAHRLAMIPLTTPHERFSLDAL
ELDDYTVTLSLEAEGPGMVYSGDLKSSDGDVKPANPNIPIVKLAEGQRLTFNAYARLGRGKDHAKWQPGFVYYKYLTKIH
VSKDVPDWEELKELAERRGLPVEESDEEIVITTIKAFYLPRKFEEHMGKGIREEIVPGSFVFTVETNGELPVEEIVSIAL
KILMRKSDRFINELHKLAD
;
A,C
2 'polypeptide(L)'
;MRIEVIRREENLLEFYLEGEDHTFANLLTETLHENEHVTFAGYTIEHPITMARKPRFKVVTDGKITPEKALEEAAQKIFD
RAREVLEAWKAAIE
;
B,D
#
loop_
_chem_comp.id
_chem_comp.type
_chem_comp.name
_chem_comp.formula
PO4 non-polymer 'PHOSPHATE ION' 'O4 P -3'
#
# COMPACT_ATOMS: atom_id res chain seq x y z
N MET A 1 -29.61 17.82 -4.27
CA MET A 1 -29.56 18.07 -2.83
C MET A 1 -28.24 17.60 -2.24
N VAL A 2 -27.25 17.37 -3.11
CA VAL A 2 -25.89 17.20 -2.63
C VAL A 2 -25.34 18.56 -2.24
N GLU A 3 -24.67 18.63 -1.10
CA GLU A 3 -24.05 19.86 -0.62
C GLU A 3 -22.69 19.59 -0.01
N PHE A 4 -21.79 20.57 -0.12
CA PHE A 4 -20.54 20.52 0.62
C PHE A 4 -20.50 21.69 1.57
N LYS A 5 -20.00 21.45 2.78
CA LYS A 5 -19.70 22.52 3.70
C LYS A 5 -18.23 22.42 4.10
N ILE A 6 -17.42 23.40 3.70
CA ILE A 6 -16.02 23.37 4.06
C ILE A 6 -15.87 23.88 5.50
N LEU A 7 -15.36 23.04 6.38
CA LEU A 7 -15.27 23.41 7.79
C LEU A 7 -13.97 24.11 8.13
N GLU A 8 -12.84 23.53 7.71
CA GLU A 8 -11.52 24.01 8.10
C GLU A 8 -10.53 23.78 6.99
N LYS A 9 -9.68 24.77 6.76
CA LYS A 9 -8.54 24.63 5.88
C LYS A 9 -7.27 24.80 6.70
N ARG A 10 -6.35 23.86 6.56
CA ARG A 10 -5.14 23.84 7.37
C ARG A 10 -4.00 23.52 6.40
N PRO A 11 -2.73 23.57 6.87
CA PRO A 11 -1.65 23.34 5.90
C PRO A 11 -1.82 22.00 5.16
N ASP A 12 -1.78 22.05 3.82
CA ASP A 12 -1.89 20.86 2.97
C ASP A 12 -3.14 20.04 3.23
N SER A 13 -4.18 20.62 3.82
CA SER A 13 -5.31 19.77 4.22
C SER A 13 -6.62 20.51 4.29
N ILE A 14 -7.71 19.74 4.40
CA ILE A 14 -9.05 20.33 4.39
C ILE A 14 -10.01 19.38 5.09
N LYS A 15 -11.01 19.92 5.78
CA LYS A 15 -12.05 19.10 6.38
C LYS A 15 -13.38 19.62 5.86
N PHE A 16 -14.22 18.72 5.35
CA PHE A 16 -15.52 19.16 4.87
C PHE A 16 -16.59 18.15 5.18
N ILE A 17 -17.84 18.61 5.24
CA ILE A 17 -18.99 17.72 5.27
C ILE A 17 -19.58 17.61 3.89
N VAL A 18 -19.78 16.38 3.43
CA VAL A 18 -20.56 16.18 2.20
C VAL A 18 -21.87 15.57 2.61
N SER A 19 -22.97 16.16 2.13
CA SER A 19 -24.30 15.67 2.48
C SER A 19 -25.08 15.30 1.23
N GLY A 20 -26.13 14.49 1.40
CA GLY A 20 -26.94 14.09 0.27
C GLY A 20 -26.32 13.01 -0.59
N VAL A 21 -25.38 12.26 -0.03
CA VAL A 21 -24.79 11.12 -0.72
C VAL A 21 -25.04 9.85 0.10
N ASP A 22 -24.28 8.80 -0.13
CA ASP A 22 -24.48 7.57 0.61
C ASP A 22 -23.16 6.85 0.83
N VAL A 23 -23.21 5.75 1.57
CA VAL A 23 -21.99 5.08 1.97
C VAL A 23 -21.21 4.55 0.75
N PRO A 24 -21.88 3.94 -0.25
CA PRO A 24 -21.09 3.53 -1.41
C PRO A 24 -20.37 4.69 -2.12
N PHE A 25 -21.04 5.84 -2.23
CA PHE A 25 -20.38 6.95 -2.89
C PHE A 25 -19.24 7.50 -2.03
N ALA A 26 -19.45 7.62 -0.72
CA ALA A 26 -18.37 8.07 0.15
C ALA A 26 -17.16 7.14 0.06
N ASN A 27 -17.42 5.84 0.07
CA ASN A 27 -16.37 4.82 -0.09
C ASN A 27 -15.65 5.01 -1.42
N ALA A 28 -16.41 5.25 -2.47
CA ALA A 28 -15.84 5.39 -3.80
C ALA A 28 -14.99 6.66 -3.90
N LEU A 29 -15.47 7.76 -3.33
CA LEU A 29 -14.69 9.00 -3.33
C LEU A 29 -13.34 8.80 -2.63
N ARG A 30 -13.36 8.21 -1.44
CA ARG A 30 -12.12 7.93 -0.72
C ARG A 30 -11.16 7.03 -1.52
N ARG A 31 -11.68 5.92 -2.05
CA ARG A 31 -10.83 4.99 -2.79
CA ARG A 31 -10.88 4.97 -2.83
C ARG A 31 -10.29 5.61 -4.08
N THR A 32 -11.08 6.45 -4.72
CA THR A 32 -10.63 7.06 -5.99
C THR A 32 -9.47 7.99 -5.69
N ILE A 33 -9.60 8.76 -4.63
CA ILE A 33 -8.49 9.62 -4.23
C ILE A 33 -7.21 8.83 -3.94
N LEU A 34 -7.32 7.78 -3.12
CA LEU A 34 -6.14 7.02 -2.71
C LEU A 34 -5.53 6.18 -3.84
N SER A 35 -6.39 5.60 -4.67
CA SER A 35 -5.97 4.57 -5.61
C SER A 35 -5.85 5.00 -7.07
N GLU A 36 -6.66 5.98 -7.47
CA GLU A 36 -6.77 6.35 -8.88
C GLU A 36 -6.19 7.71 -9.26
N VAL A 37 -6.33 8.72 -8.40
CA VAL A 37 -5.85 10.05 -8.76
C VAL A 37 -4.35 10.02 -9.00
N PRO A 38 -3.91 10.41 -10.22
CA PRO A 38 -2.49 10.25 -10.56
C PRO A 38 -1.58 11.42 -10.17
N THR A 39 -0.30 11.10 -9.99
CA THR A 39 0.74 12.10 -9.78
C THR A 39 1.98 11.74 -10.59
N PHE A 40 2.90 12.70 -10.74
CA PHE A 40 4.25 12.39 -11.19
C PHE A 40 5.07 11.87 -10.03
N ALA A 41 5.84 10.82 -10.25
CA ALA A 41 6.80 10.34 -9.25
C ALA A 41 7.96 9.72 -10.00
N VAL A 42 9.15 9.78 -9.40
CA VAL A 42 10.31 9.06 -9.93
C VAL A 42 10.03 7.56 -9.99
N ASP A 43 10.25 6.99 -11.17
CA ASP A 43 9.84 5.62 -11.48
C ASP A 43 11.02 4.72 -11.85
N GLU A 44 12.13 5.33 -12.26
CA GLU A 44 13.30 4.62 -12.72
C GLU A 44 14.48 5.57 -12.56
N VAL A 45 15.62 5.04 -12.12
CA VAL A 45 16.81 5.88 -11.93
C VAL A 45 18.04 5.25 -12.58
N GLU A 46 18.67 6.00 -13.49
CA GLU A 46 19.92 5.62 -14.12
C GLU A 46 21.07 6.25 -13.33
N PHE A 47 21.77 5.46 -12.53
CA PHE A 47 22.93 5.98 -11.80
C PHE A 47 24.15 5.94 -12.69
N LEU A 48 24.92 7.02 -12.68
CA LEU A 48 26.18 7.06 -13.42
C LEU A 48 27.36 7.01 -12.46
N GLU A 49 27.19 7.61 -11.29
CA GLU A 49 28.15 7.55 -10.19
C GLU A 49 27.43 7.49 -8.86
N ASN A 50 27.93 6.69 -7.93
CA ASN A 50 27.44 6.69 -6.56
C ASN A 50 28.54 6.21 -5.60
N ASP A 51 29.29 7.16 -5.05
CA ASP A 51 30.32 6.86 -4.06
C ASP A 51 29.83 7.03 -2.63
N SER A 52 28.52 7.21 -2.44
CA SER A 52 27.99 7.46 -1.11
C SER A 52 27.99 6.20 -0.24
N ALA A 53 27.57 6.35 1.00
CA ALA A 53 27.51 5.23 1.93
C ALA A 53 26.30 4.31 1.68
N LEU A 54 25.41 4.73 0.77
CA LEU A 54 24.12 4.04 0.59
C LEU A 54 24.02 3.31 -0.76
N PHE A 55 23.20 2.26 -0.79
CA PHE A 55 22.91 1.54 -2.02
C PHE A 55 22.18 2.43 -3.02
N ASP A 56 22.44 2.21 -4.32
CA ASP A 56 21.61 2.76 -5.39
C ASP A 56 20.13 2.59 -5.07
N GLU A 57 19.79 1.37 -4.67
CA GLU A 57 18.38 1.00 -4.51
C GLU A 57 17.70 1.82 -3.43
N ILE A 58 18.45 2.15 -2.38
CA ILE A 58 17.89 2.92 -1.28
C ILE A 58 17.71 4.37 -1.73
N ILE A 59 18.70 4.91 -2.44
CA ILE A 59 18.58 6.27 -2.94
C ILE A 59 17.45 6.38 -3.95
N ALA A 60 17.32 5.38 -4.82
CA ALA A 60 16.24 5.36 -5.80
C ALA A 60 14.87 5.37 -5.12
N HIS A 61 14.73 4.61 -4.04
CA HIS A 61 13.48 4.61 -3.27
C HIS A 61 13.20 5.98 -2.65
N ARG A 62 14.23 6.61 -2.08
CA ARG A 62 14.03 7.93 -1.49
C ARG A 62 13.60 8.93 -2.56
N LEU A 63 14.14 8.78 -3.76
CA LEU A 63 13.75 9.68 -4.86
C LEU A 63 12.30 9.44 -5.27
N ALA A 64 11.90 8.17 -5.35
CA ALA A 64 10.53 7.80 -5.66
C ALA A 64 9.55 8.43 -4.68
N MET A 65 9.96 8.57 -3.42
CA MET A 65 9.06 9.05 -2.38
C MET A 65 9.03 10.57 -2.21
N ILE A 66 9.80 11.30 -3.01
CA ILE A 66 9.70 12.76 -3.02
C ILE A 66 8.44 13.21 -3.77
N PRO A 67 7.56 13.97 -3.09
CA PRO A 67 6.38 14.45 -3.82
C PRO A 67 6.76 15.46 -4.91
N LEU A 68 6.31 15.19 -6.14
CA LEU A 68 6.65 16.04 -7.28
C LEU A 68 5.43 16.87 -7.66
N THR A 69 5.62 18.16 -7.87
CA THR A 69 4.53 18.99 -8.38
C THR A 69 3.98 18.39 -9.66
N THR A 70 2.66 18.28 -9.73
CA THR A 70 1.99 17.63 -10.84
C THR A 70 1.05 18.62 -11.49
N PRO A 71 1.39 19.07 -12.70
CA PRO A 71 0.67 20.19 -13.31
C PRO A 71 -0.68 19.78 -13.91
N HIS A 72 -1.73 19.92 -13.11
CA HIS A 72 -3.07 19.51 -13.51
C HIS A 72 -3.62 20.38 -14.63
N GLU A 73 -2.99 21.54 -14.85
CA GLU A 73 -3.40 22.39 -15.96
C GLU A 73 -2.82 21.95 -17.28
N ARG A 74 -1.83 21.06 -17.25
CA ARG A 74 -1.10 20.68 -18.46
C ARG A 74 -1.51 19.28 -18.92
N PHE A 75 -1.64 18.38 -17.97
CA PHE A 75 -1.97 17.00 -18.28
C PHE A 75 -3.36 16.68 -17.78
N SER A 76 -4.07 15.85 -18.53
CA SER A 76 -5.42 15.44 -18.14
C SER A 76 -5.36 14.36 -17.05
N LEU A 77 -5.51 14.77 -15.80
CA LEU A 77 -5.29 13.83 -14.72
C LEU A 77 -6.52 12.98 -14.44
N ASP A 78 -7.62 13.23 -15.14
CA ASP A 78 -8.77 12.33 -15.05
C ASP A 78 -8.78 11.33 -16.21
N ALA A 79 -7.77 11.40 -17.09
CA ALA A 79 -7.69 10.48 -18.24
C ALA A 79 -7.57 9.03 -17.80
N LEU A 80 -8.35 8.15 -18.46
CA LEU A 80 -8.25 6.72 -18.17
C LEU A 80 -6.92 6.14 -18.60
N GLU A 81 -6.40 6.65 -19.72
CA GLU A 81 -5.07 6.30 -20.23
C GLU A 81 -4.16 7.50 -20.05
N LEU A 82 -3.27 7.42 -19.07
CA LEU A 82 -2.43 8.56 -18.68
C LEU A 82 -1.37 8.87 -19.73
N ASP A 83 -1.10 10.15 -19.92
CA ASP A 83 0.01 10.60 -20.77
C ASP A 83 1.31 9.94 -20.32
N ASP A 84 2.09 9.40 -21.26
CA ASP A 84 3.33 8.71 -20.92
C ASP A 84 4.54 9.64 -20.85
N TYR A 85 4.29 10.94 -20.84
CA TYR A 85 5.35 11.94 -20.75
C TYR A 85 6.30 11.68 -19.58
N THR A 86 7.60 11.69 -19.89
CA THR A 86 8.65 11.44 -18.91
C THR A 86 9.46 12.72 -18.66
N VAL A 87 9.65 13.02 -17.38
CA VAL A 87 10.44 14.15 -16.93
C VAL A 87 11.76 13.65 -16.37
N THR A 88 12.86 14.28 -16.72
CA THR A 88 14.16 13.90 -16.18
C THR A 88 14.59 14.81 -15.02
N LEU A 89 14.71 14.23 -13.83
CA LEU A 89 15.29 14.93 -12.69
C LEU A 89 16.72 14.49 -12.52
N SER A 90 17.66 15.41 -12.67
CA SER A 90 19.06 15.05 -12.71
C SER A 90 19.81 15.61 -11.50
N LEU A 91 20.87 14.91 -11.13
CA LEU A 91 21.75 15.38 -10.07
C LEU A 91 23.19 15.06 -10.41
N GLU A 92 24.08 16.01 -10.12
CA GLU A 92 25.50 15.79 -10.26
C GLU A 92 26.15 16.49 -9.10
N ALA A 93 26.49 15.72 -8.06
CA ALA A 93 26.93 16.30 -6.81
C ALA A 93 28.22 15.67 -6.30
N GLU A 94 28.96 16.44 -5.52
CA GLU A 94 30.16 15.93 -4.85
C GLU A 94 30.20 16.40 -3.42
N GLY A 95 30.60 15.52 -2.50
CA GLY A 95 30.69 15.87 -1.10
C GLY A 95 31.87 16.80 -0.83
N PRO A 96 31.96 17.31 0.41
CA PRO A 96 31.06 16.99 1.52
C PRO A 96 29.77 17.80 1.52
N GLY A 97 28.70 17.21 2.05
CA GLY A 97 27.44 17.92 2.18
C GLY A 97 26.22 17.05 2.00
N MET A 98 25.09 17.53 2.49
CA MET A 98 23.86 16.77 2.35
C MET A 98 23.24 17.04 0.98
N VAL A 99 22.79 15.98 0.31
CA VAL A 99 22.01 16.16 -0.91
C VAL A 99 20.55 16.30 -0.54
N TYR A 100 19.92 17.40 -0.97
CA TYR A 100 18.50 17.66 -0.71
C TYR A 100 17.66 17.50 -1.97
N SER A 101 16.36 17.29 -1.79
CA SER A 101 15.42 17.29 -2.92
C SER A 101 15.57 18.55 -3.79
N GLY A 102 15.90 19.68 -3.17
CA GLY A 102 15.99 20.95 -3.87
C GLY A 102 17.18 21.01 -4.81
N ASP A 103 18.11 20.07 -4.67
CA ASP A 103 19.29 20.01 -5.51
C ASP A 103 19.03 19.30 -6.83
N LEU A 104 17.89 18.63 -6.92
CA LEU A 104 17.49 17.97 -8.16
C LEU A 104 17.18 19.03 -9.22
N LYS A 105 17.69 18.80 -10.43
CA LYS A 105 17.43 19.69 -11.55
C LYS A 105 16.48 19.03 -12.53
N SER A 106 15.34 19.67 -12.77
CA SER A 106 14.33 19.08 -13.63
C SER A 106 14.40 19.60 -15.07
N SER A 107 14.17 18.68 -16.01
CA SER A 107 14.01 19.02 -17.43
C SER A 107 12.78 19.89 -17.70
N ASP A 108 11.76 19.72 -16.86
CA ASP A 108 10.49 20.43 -16.94
C ASP A 108 10.19 21.13 -15.62
N GLY A 109 10.27 22.45 -15.60
CA GLY A 109 10.04 23.21 -14.38
C GLY A 109 8.72 22.97 -13.67
N ASP A 110 7.70 22.55 -14.43
CA ASP A 110 6.38 22.27 -13.87
C ASP A 110 6.35 20.99 -13.02
N VAL A 111 7.38 20.17 -13.13
CA VAL A 111 7.42 18.90 -12.40
C VAL A 111 8.74 18.80 -11.65
N LYS A 112 8.69 19.10 -10.36
CA LYS A 112 9.90 19.04 -9.55
C LYS A 112 9.49 18.90 -8.10
N PRO A 113 10.46 18.64 -7.20
CA PRO A 113 10.03 18.44 -5.80
C PRO A 113 9.25 19.64 -5.27
N ALA A 114 8.11 19.35 -4.64
CA ALA A 114 7.28 20.40 -4.07
C ALA A 114 7.98 21.01 -2.87
N ASN A 115 8.73 20.19 -2.16
CA ASN A 115 9.50 20.58 -0.98
C ASN A 115 10.98 20.48 -1.31
N PRO A 116 11.72 21.59 -1.25
CA PRO A 116 13.14 21.55 -1.63
C PRO A 116 14.08 21.12 -0.49
N ASN A 117 13.50 20.86 0.67
CA ASN A 117 14.27 20.66 1.90
C ASN A 117 14.33 19.22 2.41
N ILE A 118 13.98 18.25 1.57
CA ILE A 118 13.98 16.86 1.97
C ILE A 118 15.37 16.28 1.85
N PRO A 119 15.97 15.82 2.96
CA PRO A 119 17.31 15.24 2.85
C PRO A 119 17.27 13.90 2.14
N ILE A 120 18.19 13.68 1.21
CA ILE A 120 18.25 12.42 0.48
C ILE A 120 19.43 11.55 0.95
N VAL A 121 20.64 12.10 0.91
CA VAL A 121 21.83 11.34 1.30
C VAL A 121 22.99 12.29 1.56
N LYS A 122 23.76 12.00 2.60
CA LYS A 122 24.94 12.79 2.92
C LYS A 122 26.13 12.24 2.14
N LEU A 123 26.93 13.15 1.61
CA LEU A 123 28.15 12.77 0.91
C LEU A 123 29.35 13.24 1.71
N ALA A 124 30.34 12.37 1.86
CA ALA A 124 31.61 12.77 2.49
C ALA A 124 32.51 13.39 1.44
N GLU A 125 33.64 13.93 1.87
CA GLU A 125 34.57 14.57 0.93
C GLU A 125 35.02 13.57 -0.13
N GLY A 126 34.99 14.00 -1.38
CA GLY A 126 35.46 13.18 -2.49
C GLY A 126 34.41 12.25 -3.06
N GLN A 127 33.29 12.10 -2.37
CA GLN A 127 32.24 11.19 -2.81
C GLN A 127 31.30 11.86 -3.81
N ARG A 128 31.16 11.25 -4.97
CA ARG A 128 30.32 11.78 -6.03
C ARG A 128 29.00 11.03 -6.16
N LEU A 129 27.96 11.74 -6.59
CA LEU A 129 26.66 11.13 -6.84
C LEU A 129 26.06 11.77 -8.10
N THR A 130 25.86 10.94 -9.12
CA THR A 130 25.37 11.44 -10.41
C THR A 130 24.31 10.49 -10.95
N PHE A 131 23.12 11.00 -11.24
CA PHE A 131 22.08 10.16 -11.78
C PHE A 131 21.08 10.96 -12.60
N ASN A 132 20.33 10.23 -13.42
CA ASN A 132 19.13 10.74 -14.07
C ASN A 132 17.95 9.95 -13.54
N ALA A 133 17.00 10.66 -12.94
CA ALA A 133 15.81 10.04 -12.40
C ALA A 133 14.63 10.39 -13.29
N TYR A 134 13.89 9.37 -13.69
CA TYR A 134 12.81 9.54 -14.65
C TYR A 134 11.45 9.46 -13.99
N ALA A 135 10.70 10.55 -14.09
CA ALA A 135 9.41 10.68 -13.43
C ALA A 135 8.29 10.59 -14.45
N ARG A 136 7.23 9.87 -14.08
CA ARG A 136 6.08 9.65 -14.96
C ARG A 136 4.81 9.67 -14.13
N LEU A 137 3.68 9.86 -14.81
CA LEU A 137 2.39 9.76 -14.15
C LEU A 137 2.06 8.31 -13.80
N GLY A 138 1.51 8.13 -12.62
CA GLY A 138 1.03 6.83 -12.20
C GLY A 138 0.02 6.97 -11.08
N ARG A 139 -0.52 5.83 -10.64
CA ARG A 139 -1.61 5.79 -9.66
C ARG A 139 -1.20 5.06 -8.39
N GLY A 140 -1.79 5.46 -7.27
CA GLY A 140 -1.51 4.84 -5.98
C GLY A 140 -1.76 3.34 -5.95
N LYS A 141 -2.72 2.87 -6.75
CA LYS A 141 -2.99 1.43 -6.79
C LYS A 141 -1.83 0.64 -7.38
N ASP A 142 -0.98 1.30 -8.15
CA ASP A 142 0.18 0.64 -8.75
C ASP A 142 1.38 0.64 -7.80
N HIS A 143 1.64 1.78 -7.16
CA HIS A 143 2.70 1.89 -6.17
C HIS A 143 2.42 3.05 -5.23
N ALA A 144 2.77 2.91 -3.96
CA ALA A 144 2.54 3.97 -2.99
C ALA A 144 3.16 5.32 -3.37
N LYS A 145 4.24 5.29 -4.14
CA LYS A 145 4.92 6.52 -4.55
C LYS A 145 3.99 7.48 -5.31
N TRP A 146 2.93 6.95 -5.90
CA TRP A 146 2.02 7.77 -6.71
C TRP A 146 0.79 8.25 -5.97
N GLN A 147 0.53 7.68 -4.80
CA GLN A 147 -0.59 8.10 -3.96
C GLN A 147 -0.48 9.60 -3.60
N PRO A 148 -1.56 10.36 -3.80
CA PRO A 148 -1.42 11.83 -3.67
C PRO A 148 -1.60 12.37 -2.27
N GLY A 149 -1.93 11.51 -1.33
CA GLY A 149 -2.17 11.98 0.02
C GLY A 149 -2.92 10.95 0.82
N PHE A 150 -3.66 11.42 1.81
CA PHE A 150 -4.33 10.54 2.74
C PHE A 150 -5.74 11.04 2.96
N VAL A 151 -6.67 10.11 3.17
CA VAL A 151 -8.08 10.44 3.36
C VAL A 151 -8.62 9.80 4.62
N TYR A 152 -9.26 10.62 5.46
CA TYR A 152 -9.90 10.12 6.66
C TYR A 152 -11.38 10.47 6.55
N TYR A 153 -12.26 9.54 6.86
CA TYR A 153 -13.67 9.86 6.77
C TYR A 153 -14.49 9.13 7.82
N LYS A 154 -15.64 9.73 8.13
CA LYS A 154 -16.51 9.21 9.16
C LYS A 154 -17.95 9.62 8.86
N TYR A 155 -18.89 8.87 9.43
CA TYR A 155 -20.27 9.32 9.47
C TYR A 155 -20.32 10.66 10.19
N LEU A 156 -21.09 11.60 9.69
CA LEU A 156 -21.50 12.72 10.54
C LEU A 156 -22.53 12.19 11.52
N THR A 157 -22.33 12.44 12.81
CA THR A 157 -23.29 11.96 13.80
C THR A 157 -23.62 13.02 14.84
N LYS A 158 -24.67 12.75 15.59
CA LYS A 158 -25.01 13.53 16.79
C LYS A 158 -25.00 12.60 17.98
N ILE A 159 -24.19 12.95 18.98
CA ILE A 159 -24.16 12.17 20.20
C ILE A 159 -25.05 12.86 21.22
N HIS A 160 -26.11 12.16 21.63
CA HIS A 160 -27.08 12.65 22.59
C HIS A 160 -26.69 12.19 23.97
N VAL A 161 -26.56 13.11 24.89
CA VAL A 161 -26.25 12.75 26.28
C VAL A 161 -27.34 13.30 27.19
N SER A 162 -28.12 12.41 27.78
CA SER A 162 -29.19 12.85 28.68
C SER A 162 -28.60 13.53 29.90
N LYS A 163 -29.28 14.56 30.40
CA LYS A 163 -28.81 15.22 31.60
C LYS A 163 -29.11 14.37 32.84
N ASP A 164 -29.75 13.22 32.64
CA ASP A 164 -29.86 12.18 33.67
C ASP A 164 -28.52 11.49 33.89
N VAL A 165 -27.59 11.66 32.96
CA VAL A 165 -26.27 11.06 33.09
C VAL A 165 -25.43 11.90 34.05
N PRO A 166 -25.03 11.32 35.20
CA PRO A 166 -24.17 12.10 36.11
C PRO A 166 -22.89 12.59 35.42
N ASP A 167 -22.54 13.85 35.69
CA ASP A 167 -21.37 14.51 35.12
C ASP A 167 -21.41 14.66 33.60
N TRP A 168 -22.62 14.78 33.05
CA TRP A 168 -22.75 15.10 31.63
C TRP A 168 -22.01 16.41 31.33
N GLU A 169 -21.87 17.25 32.34
CA GLU A 169 -21.13 18.50 32.21
C GLU A 169 -19.71 18.25 31.71
N GLU A 170 -19.10 17.13 32.10
CA GLU A 170 -17.74 16.85 31.65
C GLU A 170 -17.69 16.58 30.15
N LEU A 171 -18.77 16.00 29.61
CA LEU A 171 -18.84 15.71 28.18
C LEU A 171 -19.07 16.98 27.37
N LYS A 172 -19.89 17.89 27.87
CA LYS A 172 -20.04 19.19 27.21
C LYS A 172 -18.68 19.88 27.19
N GLU A 173 -17.98 19.85 28.34
CA GLU A 173 -16.69 20.51 28.47
C GLU A 173 -15.66 19.90 27.50
N LEU A 174 -15.64 18.57 27.40
CA LEU A 174 -14.71 17.88 26.52
C LEU A 174 -14.98 18.23 25.05
N ALA A 175 -16.25 18.23 24.68
CA ALA A 175 -16.63 18.57 23.31
C ALA A 175 -16.19 20.01 23.00
N GLU A 176 -16.47 20.93 23.91
CA GLU A 176 -16.08 22.32 23.69
C GLU A 176 -14.57 22.47 23.60
N ARG A 177 -13.85 21.72 24.43
CA ARG A 177 -12.40 21.79 24.47
C ARG A 177 -11.77 21.37 23.13
N ARG A 178 -12.46 20.48 22.42
CA ARG A 178 -11.95 19.93 21.16
C ARG A 178 -12.68 20.52 19.95
N GLY A 179 -13.47 21.58 20.18
CA GLY A 179 -14.08 22.32 19.08
C GLY A 179 -15.24 21.65 18.39
N LEU A 180 -15.90 20.74 19.08
CA LEU A 180 -17.10 20.08 18.54
C LEU A 180 -18.33 20.89 18.92
N PRO A 181 -19.23 21.13 17.96
CA PRO A 181 -20.46 21.83 18.28
C PRO A 181 -21.29 21.11 19.33
N VAL A 182 -21.81 21.87 20.30
CA VAL A 182 -22.68 21.33 21.33
C VAL A 182 -23.95 22.14 21.42
N GLU A 183 -25.10 21.46 21.39
CA GLU A 183 -26.36 22.14 21.61
C GLU A 183 -26.91 21.64 22.93
N GLU A 184 -27.46 22.55 23.71
CA GLU A 184 -27.90 22.20 25.05
C GLU A 184 -29.37 22.53 25.23
N SER A 185 -30.12 21.55 25.72
CA SER A 185 -31.54 21.78 26.03
C SER A 185 -31.74 21.46 27.50
N ASP A 186 -32.99 21.50 27.97
CA ASP A 186 -33.30 21.10 29.34
C ASP A 186 -33.05 19.62 29.58
N GLU A 187 -33.21 18.81 28.53
CA GLU A 187 -33.19 17.35 28.64
C GLU A 187 -31.83 16.74 28.38
N GLU A 188 -31.02 17.38 27.56
CA GLU A 188 -29.83 16.73 27.02
C GLU A 188 -28.81 17.74 26.48
N ILE A 189 -27.60 17.26 26.22
CA ILE A 189 -26.70 17.96 25.32
C ILE A 189 -26.55 17.10 24.07
N VAL A 190 -26.31 17.76 22.94
CA VAL A 190 -26.09 17.04 21.69
C VAL A 190 -24.80 17.52 21.05
N ILE A 191 -23.92 16.56 20.80
CA ILE A 191 -22.57 16.83 20.29
C ILE A 191 -22.47 16.42 18.82
N THR A 192 -22.08 17.35 17.96
CA THR A 192 -21.93 17.03 16.55
C THR A 192 -20.50 16.60 16.25
N THR A 193 -20.35 15.39 15.71
CA THR A 193 -19.03 14.78 15.58
C THR A 193 -18.34 15.17 14.27
N ILE A 194 -17.97 16.45 14.18
CA ILE A 194 -17.15 16.90 13.06
C ILE A 194 -15.71 16.41 13.16
N LYS A 195 -15.38 15.84 14.32
CA LYS A 195 -14.17 15.04 14.54
C LYS A 195 -14.60 13.83 15.34
N ALA A 196 -13.74 12.84 15.45
CA ALA A 196 -13.98 11.71 16.34
C ALA A 196 -14.18 12.20 17.76
N PHE A 197 -15.07 11.53 18.49
CA PHE A 197 -15.26 11.80 19.91
C PHE A 197 -14.78 10.59 20.67
N TYR A 198 -14.06 10.84 21.76
CA TYR A 198 -13.51 9.74 22.56
C TYR A 198 -14.22 9.73 23.91
N LEU A 199 -15.19 8.83 24.02
CA LEU A 199 -15.97 8.76 25.25
C LEU A 199 -15.09 8.26 26.39
N PRO A 200 -14.99 9.03 27.47
CA PRO A 200 -14.19 8.53 28.59
C PRO A 200 -14.81 7.24 29.13
N ARG A 201 -13.97 6.32 29.62
CA ARG A 201 -14.41 5.03 30.14
C ARG A 201 -15.55 5.15 31.17
N LYS A 202 -15.47 6.19 31.98
CA LYS A 202 -16.46 6.50 32.99
C LYS A 202 -17.90 6.50 32.45
N PHE A 203 -18.08 6.85 31.19
CA PHE A 203 -19.41 6.99 30.63
C PHE A 203 -19.86 5.80 29.78
N GLU A 204 -19.00 4.81 29.59
CA GLU A 204 -19.34 3.68 28.73
C GLU A 204 -20.60 2.95 29.18
N GLU A 205 -20.81 2.86 30.50
CA GLU A 205 -21.99 2.18 31.02
C GLU A 205 -23.29 2.82 30.52
N HIS A 206 -23.24 4.12 30.17
CA HIS A 206 -24.44 4.84 29.78
C HIS A 206 -24.81 4.69 28.32
N MET A 207 -23.92 4.07 27.54
CA MET A 207 -24.23 3.82 26.14
C MET A 207 -25.47 2.94 26.03
N GLY A 208 -26.41 3.34 25.18
CA GLY A 208 -27.64 2.59 24.97
C GLY A 208 -28.75 2.97 25.91
N LYS A 209 -28.45 3.85 26.85
CA LYS A 209 -29.46 4.39 27.74
C LYS A 209 -29.38 5.91 27.65
N GLY A 210 -28.60 6.49 28.55
CA GLY A 210 -28.43 7.93 28.59
C GLY A 210 -27.64 8.53 27.44
N ILE A 211 -26.79 7.72 26.81
CA ILE A 211 -25.99 8.21 25.70
C ILE A 211 -26.27 7.43 24.43
N ARG A 212 -26.56 8.14 23.34
CA ARG A 212 -26.90 7.50 22.08
C ARG A 212 -26.26 8.28 20.94
N GLU A 213 -25.65 7.58 20.00
CA GLU A 213 -25.06 8.24 18.84
C GLU A 213 -25.91 7.98 17.62
N GLU A 214 -26.39 9.07 17.00
CA GLU A 214 -27.32 8.95 15.90
C GLU A 214 -26.65 9.49 14.63
N ILE A 215 -26.52 8.61 13.66
CA ILE A 215 -25.96 8.99 12.37
C ILE A 215 -26.88 9.98 11.64
N VAL A 216 -26.29 11.02 11.05
CA VAL A 216 -27.02 11.90 10.17
C VAL A 216 -27.06 11.29 8.77
N PRO A 217 -28.24 10.81 8.33
CA PRO A 217 -28.25 10.03 7.08
C PRO A 217 -27.73 10.82 5.89
N GLY A 218 -26.82 10.21 5.12
CA GLY A 218 -26.29 10.77 3.89
C GLY A 218 -25.18 11.78 4.05
N SER A 219 -24.77 12.04 5.29
CA SER A 219 -23.72 13.02 5.55
C SER A 219 -22.44 12.40 6.09
N PHE A 220 -21.31 12.89 5.57
CA PHE A 220 -20.03 12.32 5.91
C PHE A 220 -19.01 13.41 6.12
N VAL A 221 -18.13 13.23 7.10
CA VAL A 221 -17.06 14.19 7.31
C VAL A 221 -15.76 13.65 6.73
N PHE A 222 -15.19 14.37 5.77
CA PHE A 222 -13.90 14.01 5.17
C PHE A 222 -12.79 14.91 5.65
N THR A 223 -11.64 14.33 5.95
CA THR A 223 -10.43 15.10 6.23
C THR A 223 -9.39 14.61 5.21
N VAL A 224 -8.89 15.50 4.38
CA VAL A 224 -7.99 15.11 3.30
C VAL A 224 -6.69 15.84 3.42
N GLU A 225 -5.56 15.14 3.29
CA GLU A 225 -4.25 15.77 3.27
C GLU A 225 -3.53 15.47 1.97
N THR A 226 -2.87 16.47 1.38
CA THR A 226 -2.03 16.22 0.22
C THR A 226 -0.58 16.08 0.61
N ASN A 227 0.15 15.27 -0.16
CA ASN A 227 1.60 15.18 -0.02
C ASN A 227 2.31 16.34 -0.67
N GLY A 228 1.58 17.09 -1.49
CA GLY A 228 2.15 18.26 -2.14
C GLY A 228 2.23 18.22 -3.65
N GLU A 229 1.86 17.09 -4.26
CA GLU A 229 1.84 17.00 -5.71
C GLU A 229 0.74 17.89 -6.28
N LEU A 230 -0.41 17.87 -5.60
CA LEU A 230 -1.63 18.54 -6.02
C LEU A 230 -2.25 19.29 -4.85
N PRO A 231 -2.87 20.45 -5.13
CA PRO A 231 -3.68 21.06 -4.07
C PRO A 231 -4.79 20.12 -3.63
N VAL A 232 -5.09 20.15 -2.35
CA VAL A 232 -5.99 19.16 -1.81
C VAL A 232 -7.39 19.27 -2.45
N GLU A 233 -7.84 20.47 -2.78
CA GLU A 233 -9.15 20.62 -3.41
C GLU A 233 -9.16 20.08 -4.83
N GLU A 234 -8.01 20.13 -5.51
CA GLU A 234 -7.91 19.60 -6.88
C GLU A 234 -7.93 18.07 -6.88
N ILE A 235 -7.38 17.49 -5.83
CA ILE A 235 -7.43 16.05 -5.66
C ILE A 235 -8.88 15.58 -5.68
N VAL A 236 -9.74 16.27 -4.93
CA VAL A 236 -11.14 15.88 -4.86
C VAL A 236 -11.82 16.07 -6.22
N SER A 237 -11.55 17.19 -6.87
CA SER A 237 -12.14 17.46 -8.19
C SER A 237 -11.75 16.37 -9.19
N ILE A 238 -10.48 16.00 -9.20
CA ILE A 238 -10.00 15.00 -10.15
C ILE A 238 -10.67 13.66 -9.89
N ALA A 239 -10.82 13.31 -8.62
CA ALA A 239 -11.42 12.03 -8.25
C ALA A 239 -12.83 11.94 -8.80
N LEU A 240 -13.58 13.03 -8.67
CA LEU A 240 -14.95 13.02 -9.14
C LEU A 240 -14.99 12.93 -10.66
N LYS A 241 -14.09 13.63 -11.33
CA LYS A 241 -14.01 13.53 -12.79
C LYS A 241 -13.64 12.12 -13.21
N ILE A 242 -12.81 11.46 -12.43
CA ILE A 242 -12.39 10.09 -12.76
C ILE A 242 -13.60 9.15 -12.73
N LEU A 243 -14.49 9.30 -11.74
CA LEU A 243 -15.68 8.45 -11.68
C LEU A 243 -16.58 8.69 -12.91
N MET A 244 -16.68 9.94 -13.34
CA MET A 244 -17.40 10.24 -14.59
C MET A 244 -16.75 9.56 -15.81
N ARG A 245 -15.42 9.66 -15.93
CA ARG A 245 -14.74 9.06 -17.07
C ARG A 245 -14.90 7.54 -17.09
N LYS A 246 -14.75 6.90 -15.93
CA LYS A 246 -14.87 5.45 -15.85
C LYS A 246 -16.26 4.97 -16.23
N SER A 247 -17.27 5.62 -15.69
CA SER A 247 -18.65 5.19 -15.94
C SER A 247 -19.00 5.41 -17.41
N ASP A 248 -18.56 6.53 -17.96
CA ASP A 248 -18.81 6.83 -19.37
C ASP A 248 -18.19 5.78 -20.29
N ARG A 249 -16.93 5.41 -20.02
CA ARG A 249 -16.26 4.44 -20.86
C ARG A 249 -16.89 3.07 -20.72
N PHE A 250 -17.33 2.74 -19.51
CA PHE A 250 -17.94 1.44 -19.28
C PHE A 250 -19.23 1.32 -20.08
N ILE A 251 -20.01 2.40 -20.13
CA ILE A 251 -21.22 2.40 -20.96
C ILE A 251 -20.87 2.17 -22.44
N ASN A 252 -19.82 2.84 -22.92
CA ASN A 252 -19.37 2.61 -24.29
C ASN A 252 -18.97 1.14 -24.55
N GLU A 253 -18.33 0.51 -23.57
CA GLU A 253 -17.94 -0.89 -23.74
C GLU A 253 -19.17 -1.79 -23.70
N LEU A 254 -20.14 -1.46 -22.85
CA LEU A 254 -21.40 -2.23 -22.81
C LEU A 254 -22.10 -2.20 -24.16
N HIS A 255 -22.05 -1.06 -24.84
CA HIS A 255 -22.75 -0.97 -26.11
C HIS A 255 -22.16 -1.90 -27.17
N LYS A 256 -20.91 -2.31 -26.99
CA LYS A 256 -20.26 -3.25 -27.93
C LYS A 256 -20.75 -4.68 -27.79
N LEU A 257 -21.42 -4.98 -26.69
CA LEU A 257 -21.99 -6.31 -26.48
C LEU A 257 -23.21 -6.55 -27.36
N ALA A 258 -23.89 -5.45 -27.69
CA ALA A 258 -25.23 -5.48 -28.27
C ALA A 258 -25.44 -6.35 -29.55
N ASP A 259 -24.59 -6.29 -30.57
CA ASP A 259 -23.38 -5.48 -30.66
C ASP A 259 -23.68 -4.07 -31.13
N MET B 1 -9.61 -0.27 -20.50
N MET B 1 -11.74 -0.88 -18.99
CA MET B 1 -10.84 -0.95 -20.09
CA MET B 1 -10.87 -0.89 -20.15
C MET B 1 -11.37 -1.85 -21.18
C MET B 1 -11.37 -1.87 -21.22
N ARG B 2 -11.77 -3.06 -20.80
CA ARG B 2 -12.32 -4.04 -21.73
C ARG B 2 -13.24 -5.01 -21.00
N ILE B 3 -14.42 -5.24 -21.56
CA ILE B 3 -15.30 -6.30 -21.06
C ILE B 3 -14.99 -7.61 -21.76
N GLU B 4 -14.78 -8.67 -20.98
CA GLU B 4 -14.69 -10.02 -21.51
C GLU B 4 -15.83 -10.84 -20.94
N VAL B 5 -16.73 -11.32 -21.80
CA VAL B 5 -17.83 -12.15 -21.34
C VAL B 5 -17.33 -13.55 -21.03
N ILE B 6 -17.62 -14.01 -19.81
CA ILE B 6 -17.18 -15.31 -19.32
C ILE B 6 -18.26 -16.37 -19.50
N ARG B 7 -19.49 -15.98 -19.16
CA ARG B 7 -20.59 -16.94 -19.11
C ARG B 7 -21.90 -16.20 -19.36
N ARG B 8 -22.80 -16.86 -20.08
CA ARG B 8 -24.15 -16.38 -20.30
C ARG B 8 -25.16 -17.49 -20.10
N GLU B 9 -26.22 -17.19 -19.38
CA GLU B 9 -27.41 -18.05 -19.43
C GLU B 9 -28.62 -17.16 -19.20
N GLU B 10 -29.79 -17.75 -19.04
CA GLU B 10 -31.00 -16.97 -18.91
C GLU B 10 -30.89 -15.98 -17.77
N ASN B 11 -30.96 -14.69 -18.12
CA ASN B 11 -30.95 -13.57 -17.17
C ASN B 11 -29.67 -13.43 -16.36
N LEU B 12 -28.59 -13.99 -16.89
CA LEU B 12 -27.31 -14.04 -16.17
C LEU B 12 -26.14 -13.66 -17.06
N LEU B 13 -25.29 -12.77 -16.55
CA LEU B 13 -24.07 -12.43 -17.28
C LEU B 13 -22.89 -12.43 -16.31
N GLU B 14 -21.83 -13.14 -16.66
CA GLU B 14 -20.61 -13.10 -15.89
C GLU B 14 -19.53 -12.50 -16.79
N PHE B 15 -18.74 -11.57 -16.28
CA PHE B 15 -17.74 -10.93 -17.12
C PHE B 15 -16.56 -10.38 -16.32
N TYR B 16 -15.42 -10.29 -16.99
CA TYR B 16 -14.29 -9.51 -16.46
C TYR B 16 -14.38 -8.06 -16.93
N LEU B 17 -13.89 -7.16 -16.10
CA LEU B 17 -13.67 -5.78 -16.55
C LEU B 17 -12.20 -5.45 -16.39
N GLU B 18 -11.43 -5.74 -17.44
CA GLU B 18 -10.02 -5.37 -17.46
C GLU B 18 -9.87 -3.88 -17.26
N GLY B 19 -8.82 -3.48 -16.54
CA GLY B 19 -8.52 -2.08 -16.32
C GLY B 19 -9.15 -1.48 -15.08
N GLU B 20 -10.00 -2.23 -14.39
CA GLU B 20 -10.68 -1.68 -13.21
C GLU B 20 -10.35 -2.51 -11.97
N ASP B 21 -10.87 -2.08 -10.83
CA ASP B 21 -10.47 -2.65 -9.56
C ASP B 21 -11.57 -2.36 -8.55
N HIS B 22 -11.27 -2.45 -7.26
CA HIS B 22 -12.28 -2.29 -6.22
C HIS B 22 -13.10 -0.99 -6.33
N THR B 23 -12.45 0.10 -6.70
CA THR B 23 -13.12 1.40 -6.70
C THR B 23 -14.38 1.37 -7.55
N PHE B 24 -14.23 1.02 -8.81
CA PHE B 24 -15.38 0.98 -9.70
C PHE B 24 -16.22 -0.26 -9.48
N ALA B 25 -15.57 -1.40 -9.20
CA ALA B 25 -16.32 -2.63 -9.04
C ALA B 25 -17.30 -2.58 -7.87
N ASN B 26 -16.87 -2.05 -6.74
CA ASN B 26 -17.74 -1.95 -5.58
C ASN B 26 -18.87 -0.95 -5.83
N LEU B 27 -18.55 0.18 -6.44
CA LEU B 27 -19.55 1.21 -6.64
C LEU B 27 -20.59 0.69 -7.64
N LEU B 28 -20.14 -0.01 -8.67
CA LEU B 28 -21.05 -0.55 -9.68
C LEU B 28 -21.96 -1.60 -9.05
N THR B 29 -21.37 -2.50 -8.25
CA THR B 29 -22.15 -3.56 -7.63
C THR B 29 -23.18 -3.00 -6.63
N GLU B 30 -22.78 -2.02 -5.83
CA GLU B 30 -23.69 -1.43 -4.87
C GLU B 30 -24.81 -0.67 -5.58
N THR B 31 -24.49 -0.03 -6.70
CA THR B 31 -25.49 0.72 -7.45
C THR B 31 -26.52 -0.22 -8.10
N LEU B 32 -26.03 -1.34 -8.63
CA LEU B 32 -26.91 -2.37 -9.16
C LEU B 32 -27.94 -2.86 -8.14
N HIS B 33 -27.52 -2.95 -6.87
CA HIS B 33 -28.43 -3.41 -5.82
C HIS B 33 -29.66 -2.51 -5.65
N GLU B 34 -29.58 -1.25 -6.09
CA GLU B 34 -30.72 -0.33 -6.01
C GLU B 34 -31.88 -0.75 -6.90
N ASN B 35 -31.56 -1.54 -7.93
CA ASN B 35 -32.54 -1.96 -8.92
C ASN B 35 -33.26 -3.21 -8.45
N GLU B 36 -34.56 -3.08 -8.20
CA GLU B 36 -35.37 -4.19 -7.70
C GLU B 36 -35.31 -5.42 -8.62
N HIS B 37 -35.00 -5.21 -9.89
CA HIS B 37 -35.03 -6.29 -10.86
C HIS B 37 -33.72 -7.06 -10.90
N VAL B 38 -32.72 -6.54 -10.20
CA VAL B 38 -31.44 -7.23 -10.07
C VAL B 38 -31.49 -8.14 -8.84
N THR B 39 -31.40 -9.45 -9.07
CA THR B 39 -31.53 -10.39 -7.97
C THR B 39 -30.17 -10.79 -7.41
N PHE B 40 -29.11 -10.61 -8.21
CA PHE B 40 -27.76 -10.72 -7.69
C PHE B 40 -26.79 -9.84 -8.44
N ALA B 41 -25.89 -9.18 -7.71
CA ALA B 41 -24.74 -8.54 -8.31
C ALA B 41 -23.59 -8.64 -7.34
N GLY B 42 -22.46 -9.11 -7.82
CA GLY B 42 -21.28 -9.28 -6.99
C GLY B 42 -20.04 -9.38 -7.85
N TYR B 43 -18.89 -9.26 -7.23
CA TYR B 43 -17.64 -9.44 -7.95
C TYR B 43 -16.60 -10.04 -7.03
N THR B 44 -15.58 -10.64 -7.66
CA THR B 44 -14.42 -11.14 -6.96
C THR B 44 -13.21 -10.66 -7.75
N ILE B 45 -12.04 -10.70 -7.14
CA ILE B 45 -10.83 -10.29 -7.85
C ILE B 45 -10.09 -11.51 -8.36
N GLU B 46 -9.80 -11.48 -9.67
CA GLU B 46 -9.00 -12.50 -10.34
C GLU B 46 -7.56 -12.01 -10.47
N HIS B 47 -6.60 -12.92 -10.33
CA HIS B 47 -5.17 -12.59 -10.46
C HIS B 47 -4.77 -11.43 -9.55
N PRO B 48 -5.09 -11.52 -8.25
CA PRO B 48 -5.01 -10.36 -7.37
C PRO B 48 -3.62 -9.76 -7.21
N ILE B 49 -2.56 -10.53 -7.37
CA ILE B 49 -1.23 -9.98 -7.10
C ILE B 49 -0.28 -9.97 -8.30
N THR B 50 -0.84 -9.93 -9.51
CA THR B 50 -0.04 -9.70 -10.72
C THR B 50 -0.66 -8.59 -11.55
N MET B 51 -0.02 -8.26 -12.67
CA MET B 51 -0.54 -7.23 -13.57
C MET B 51 -1.81 -7.66 -14.29
N ALA B 52 -2.17 -8.93 -14.18
CA ALA B 52 -3.38 -9.43 -14.83
C ALA B 52 -4.62 -9.20 -13.95
N ARG B 53 -4.40 -8.66 -12.76
CA ARG B 53 -5.48 -8.34 -11.81
C ARG B 53 -6.71 -7.67 -12.45
N LYS B 54 -7.87 -8.25 -12.21
CA LYS B 54 -9.13 -7.73 -12.76
C LYS B 54 -10.33 -8.25 -11.98
N PRO B 55 -11.38 -7.45 -11.91
CA PRO B 55 -12.60 -7.94 -11.28
C PRO B 55 -13.42 -8.83 -12.19
N ARG B 56 -14.05 -9.82 -11.57
CA ARG B 56 -14.93 -10.77 -12.22
C ARG B 56 -16.34 -10.58 -11.64
N PHE B 57 -17.26 -10.09 -12.47
CA PHE B 57 -18.61 -9.77 -12.04
C PHE B 57 -19.59 -10.86 -12.37
N LYS B 58 -20.61 -11.02 -11.53
CA LYS B 58 -21.78 -11.78 -11.94
C LYS B 58 -23.00 -10.92 -11.68
N VAL B 59 -23.87 -10.81 -12.69
CA VAL B 59 -25.10 -10.04 -12.57
C VAL B 59 -26.27 -10.88 -13.03
N VAL B 60 -27.30 -10.96 -12.18
CA VAL B 60 -28.48 -11.74 -12.47
C VAL B 60 -29.73 -10.89 -12.30
N THR B 61 -30.64 -10.95 -13.26
CA THR B 61 -31.88 -10.20 -13.17
C THR B 61 -33.09 -11.12 -13.09
N ASP B 62 -34.27 -10.53 -12.85
CA ASP B 62 -35.50 -11.30 -12.79
C ASP B 62 -36.14 -11.46 -14.17
N GLY B 63 -35.43 -11.02 -15.21
CA GLY B 63 -35.94 -11.14 -16.57
C GLY B 63 -36.71 -9.93 -17.08
N LYS B 64 -37.10 -9.02 -16.20
CA LYS B 64 -37.86 -7.83 -16.63
C LYS B 64 -36.92 -6.77 -17.22
N ILE B 65 -35.64 -6.96 -17.00
CA ILE B 65 -34.59 -6.14 -17.59
C ILE B 65 -33.42 -7.09 -17.82
N THR B 66 -32.58 -6.84 -18.82
CA THR B 66 -31.40 -7.71 -19.01
C THR B 66 -30.28 -7.28 -18.07
N PRO B 67 -29.33 -8.18 -17.81
CA PRO B 67 -28.13 -7.75 -17.07
C PRO B 67 -27.46 -6.54 -17.71
N GLU B 68 -27.39 -6.52 -19.05
CA GLU B 68 -26.73 -5.44 -19.78
C GLU B 68 -27.43 -4.10 -19.55
N LYS B 69 -28.75 -4.11 -19.55
CA LYS B 69 -29.49 -2.87 -19.34
C LYS B 69 -29.38 -2.42 -17.87
N ALA B 70 -29.40 -3.37 -16.94
CA ALA B 70 -29.16 -3.04 -15.52
C ALA B 70 -27.78 -2.42 -15.37
N LEU B 71 -26.79 -2.99 -16.03
CA LEU B 71 -25.43 -2.46 -15.95
C LEU B 71 -25.37 -1.05 -16.50
N GLU B 72 -26.03 -0.80 -17.62
CA GLU B 72 -26.00 0.53 -18.24
C GLU B 72 -26.68 1.55 -17.32
N GLU B 73 -27.82 1.16 -16.77
CA GLU B 73 -28.57 2.01 -15.83
C GLU B 73 -27.74 2.36 -14.59
N ALA B 74 -27.04 1.38 -14.03
CA ALA B 74 -26.19 1.61 -12.87
C ALA B 74 -25.02 2.52 -13.22
N ALA B 75 -24.41 2.29 -14.38
CA ALA B 75 -23.27 3.11 -14.78
C ALA B 75 -23.71 4.55 -15.04
N GLN B 76 -24.91 4.71 -15.59
CA GLN B 76 -25.44 6.04 -15.86
C GLN B 76 -25.70 6.78 -14.55
N LYS B 77 -26.21 6.05 -13.56
CA LYS B 77 -26.41 6.63 -12.22
C LYS B 77 -25.10 7.11 -11.62
N ILE B 78 -24.05 6.33 -11.78
CA ILE B 78 -22.75 6.70 -11.23
C ILE B 78 -22.28 7.98 -11.91
N PHE B 79 -22.48 8.06 -13.22
CA PHE B 79 -22.02 9.21 -13.98
C PHE B 79 -22.77 10.44 -13.50
N ASP B 80 -24.09 10.33 -13.44
CA ASP B 80 -24.96 11.43 -13.05
C ASP B 80 -24.66 11.93 -11.64
N ARG B 81 -24.48 11.00 -10.72
CA ARG B 81 -24.21 11.35 -9.32
C ARG B 81 -22.83 11.98 -9.18
N ALA B 82 -21.82 11.44 -9.85
CA ALA B 82 -20.50 12.06 -9.81
C ALA B 82 -20.54 13.48 -10.37
N ARG B 83 -21.32 13.66 -11.44
CA ARG B 83 -21.49 14.98 -12.05
CA ARG B 83 -21.50 14.98 -12.05
C ARG B 83 -22.12 15.96 -11.06
N GLU B 84 -23.16 15.50 -10.38
CA GLU B 84 -23.87 16.33 -9.42
C GLU B 84 -22.95 16.67 -8.25
N VAL B 85 -22.16 15.70 -7.82
CA VAL B 85 -21.29 15.94 -6.68
C VAL B 85 -20.16 16.91 -7.09
N LEU B 86 -19.66 16.77 -8.31
CA LEU B 86 -18.63 17.67 -8.78
C LEU B 86 -19.15 19.10 -8.87
N GLU B 87 -20.37 19.27 -9.34
CA GLU B 87 -20.98 20.61 -9.42
CA GLU B 87 -20.96 20.61 -9.42
C GLU B 87 -21.08 21.25 -8.04
N ALA B 88 -21.50 20.45 -7.06
CA ALA B 88 -21.62 20.94 -5.69
C ALA B 88 -20.24 21.26 -5.11
N TRP B 89 -19.25 20.44 -5.44
CA TRP B 89 -17.89 20.70 -5.00
C TRP B 89 -17.33 22.00 -5.56
N LYS B 90 -17.46 22.19 -6.87
CA LYS B 90 -16.98 23.42 -7.50
C LYS B 90 -17.72 24.63 -6.92
N ALA B 91 -19.02 24.49 -6.67
CA ALA B 91 -19.77 25.58 -6.06
C ALA B 91 -19.20 25.97 -4.69
N ALA B 92 -18.68 25.00 -3.95
CA ALA B 92 -18.18 25.26 -2.60
C ALA B 92 -16.77 25.88 -2.62
N ILE B 93 -15.97 25.56 -3.64
CA ILE B 93 -14.56 25.93 -3.61
C ILE B 93 -14.12 27.05 -4.57
N GLU B 94 -14.89 27.34 -5.61
CA GLU B 94 -14.42 28.35 -6.55
C GLU B 94 -15.24 29.63 -6.46
N MET C 1 21.98 -26.60 -4.08
CA MET C 1 22.53 -25.44 -4.75
C MET C 1 21.97 -24.17 -4.11
N VAL C 2 21.25 -24.33 -3.01
CA VAL C 2 20.82 -23.17 -2.23
C VAL C 2 22.04 -22.55 -1.56
N GLU C 3 22.29 -21.27 -1.87
CA GLU C 3 23.38 -20.52 -1.25
C GLU C 3 23.00 -19.08 -1.01
N PHE C 4 23.71 -18.44 -0.08
CA PHE C 4 23.71 -17.00 0.11
C PHE C 4 25.10 -16.43 -0.10
N LYS C 5 25.16 -15.28 -0.76
CA LYS C 5 26.38 -14.52 -0.78
C LYS C 5 26.03 -13.12 -0.32
N ILE C 6 26.61 -12.69 0.79
CA ILE C 6 26.39 -11.34 1.29
C ILE C 6 27.34 -10.40 0.56
N LEU C 7 26.79 -9.50 -0.23
CA LEU C 7 27.64 -8.60 -1.00
C LEU C 7 28.12 -7.46 -0.11
N GLU C 8 27.17 -6.74 0.49
CA GLU C 8 27.50 -5.54 1.24
C GLU C 8 26.56 -5.30 2.43
N LYS C 9 27.11 -4.76 3.51
CA LYS C 9 26.32 -4.20 4.60
C LYS C 9 26.50 -2.69 4.65
N ARG C 10 25.38 -1.96 4.71
CA ARG C 10 25.42 -0.50 4.72
C ARG C 10 24.45 0.02 5.79
N PRO C 11 24.43 1.33 6.07
CA PRO C 11 23.54 1.76 7.16
C PRO C 11 22.10 1.28 6.99
N ASP C 12 21.59 0.58 8.00
CA ASP C 12 20.23 0.05 8.01
C ASP C 12 19.90 -0.88 6.84
N SER C 13 20.91 -1.48 6.19
CA SER C 13 20.63 -2.19 4.93
C SER C 13 21.64 -3.27 4.58
N ILE C 14 21.24 -4.13 3.65
CA ILE C 14 22.08 -5.24 3.23
C ILE C 14 21.73 -5.62 1.80
N LYS C 15 22.72 -6.10 1.05
CA LYS C 15 22.46 -6.65 -0.28
C LYS C 15 23.04 -8.05 -0.32
N PHE C 16 22.26 -8.99 -0.85
CA PHE C 16 22.74 -10.35 -0.95
C PHE C 16 22.22 -11.02 -2.21
N ILE C 17 22.93 -12.05 -2.63
CA ILE C 17 22.42 -12.95 -3.66
C ILE C 17 21.90 -14.22 -3.00
N VAL C 18 20.65 -14.56 -3.28
CA VAL C 18 20.16 -15.86 -2.89
C VAL C 18 20.10 -16.73 -4.15
N SER C 19 20.66 -17.93 -4.05
CA SER C 19 20.74 -18.84 -5.20
CA SER C 19 20.71 -18.83 -5.20
C SER C 19 20.02 -20.15 -4.91
N GLY C 20 19.73 -20.90 -5.97
CA GLY C 20 19.09 -22.20 -5.81
C GLY C 20 17.61 -22.14 -5.45
N VAL C 21 16.97 -21.00 -5.71
CA VAL C 21 15.54 -20.87 -5.50
C VAL C 21 14.85 -20.57 -6.83
N ASP C 22 13.64 -20.06 -6.80
CA ASP C 22 12.92 -19.78 -8.03
C ASP C 22 12.05 -18.55 -7.85
N VAL C 23 11.38 -18.11 -8.92
CA VAL C 23 10.60 -16.89 -8.82
C VAL C 23 9.46 -16.99 -7.80
N PRO C 24 8.73 -18.12 -7.77
CA PRO C 24 7.72 -18.18 -6.69
C PRO C 24 8.30 -17.99 -5.28
N PHE C 25 9.44 -18.62 -4.99
CA PHE C 25 10.01 -18.47 -3.67
C PHE C 25 10.53 -17.06 -3.43
N ALA C 26 11.20 -16.48 -4.43
CA ALA C 26 11.76 -15.15 -4.28
C ALA C 26 10.64 -14.14 -4.04
N ASN C 27 9.57 -14.31 -4.81
CA ASN C 27 8.35 -13.52 -4.63
C ASN C 27 7.79 -13.63 -3.22
N ALA C 28 7.69 -14.85 -2.72
CA ALA C 28 7.18 -15.08 -1.36
C ALA C 28 8.10 -14.48 -0.29
N LEU C 29 9.42 -14.57 -0.49
CA LEU C 29 10.35 -13.98 0.45
C LEU C 29 10.21 -12.46 0.50
N ARG C 30 10.14 -11.84 -0.67
CA ARG C 30 9.95 -10.40 -0.72
C ARG C 30 8.63 -9.97 -0.05
N ARG C 31 7.56 -10.68 -0.39
CA ARG C 31 6.24 -10.36 0.16
C ARG C 31 6.19 -10.58 1.67
N THR C 32 6.87 -11.61 2.15
CA THR C 32 6.85 -11.89 3.58
C THR C 32 7.60 -10.80 4.34
N ILE C 33 8.73 -10.37 3.78
CA ILE C 33 9.53 -9.34 4.40
C ILE C 33 8.74 -8.05 4.53
N LEU C 34 8.05 -7.69 3.45
CA LEU C 34 7.32 -6.42 3.46
C LEU C 34 6.06 -6.44 4.29
N SER C 35 5.24 -7.46 4.08
CA SER C 35 3.86 -7.41 4.56
CA SER C 35 3.86 -7.43 4.53
C SER C 35 3.54 -8.40 5.67
N GLU C 36 4.50 -9.27 6.03
CA GLU C 36 4.23 -10.21 7.12
C GLU C 36 5.07 -9.94 8.37
N VAL C 37 6.35 -9.62 8.20
CA VAL C 37 7.24 -9.39 9.34
C VAL C 37 6.67 -8.23 10.16
N PRO C 38 6.37 -8.48 11.44
CA PRO C 38 5.66 -7.47 12.22
C PRO C 38 6.55 -6.45 12.95
N THR C 39 5.96 -5.30 13.25
CA THR C 39 6.62 -4.29 14.07
C THR C 39 5.59 -3.71 15.03
N PHE C 40 6.06 -3.04 16.08
CA PHE C 40 5.17 -2.17 16.86
C PHE C 40 4.96 -0.86 16.12
N ALA C 41 3.71 -0.40 16.07
CA ALA C 41 3.41 0.93 15.56
C ALA C 41 2.14 1.43 16.21
N VAL C 42 2.04 2.75 16.36
CA VAL C 42 0.80 3.40 16.82
C VAL C 42 -0.37 3.08 15.88
N ASP C 43 -1.45 2.56 16.46
CA ASP C 43 -2.62 2.04 15.74
CA ASP C 43 -2.56 2.23 15.58
C ASP C 43 -3.86 2.93 15.95
N GLU C 44 -3.98 3.42 17.17
CA GLU C 44 -5.12 4.27 17.52
C GLU C 44 -4.64 5.40 18.41
N VAL C 45 -5.29 6.55 18.32
CA VAL C 45 -4.91 7.69 19.16
C VAL C 45 -6.15 8.35 19.71
N GLU C 46 -6.17 8.51 21.03
CA GLU C 46 -7.22 9.24 21.72
C GLU C 46 -6.71 10.66 22.01
N PHE C 47 -7.34 11.66 21.41
CA PHE C 47 -6.98 13.05 21.68
C PHE C 47 -7.83 13.65 22.80
N LEU C 48 -7.15 14.23 23.78
CA LEU C 48 -7.84 14.97 24.85
C LEU C 48 -7.84 16.46 24.54
N GLU C 49 -6.80 16.94 23.86
CA GLU C 49 -6.82 18.30 23.35
C GLU C 49 -5.79 18.45 22.24
N ASN C 50 -6.09 19.35 21.32
CA ASN C 50 -5.21 19.64 20.19
C ASN C 50 -5.49 21.05 19.69
N ASP C 51 -4.74 22.00 20.24
CA ASP C 51 -4.88 23.39 19.85
C ASP C 51 -3.91 23.75 18.73
N SER C 52 -3.25 22.75 18.14
CA SER C 52 -2.22 23.03 17.14
C SER C 52 -2.81 23.47 15.80
N ALA C 53 -1.91 23.77 14.86
CA ALA C 53 -2.30 24.13 13.51
C ALA C 53 -2.87 22.97 12.70
N LEU C 54 -2.67 21.73 13.15
CA LEU C 54 -2.96 20.57 12.32
C LEU C 54 -4.15 19.76 12.81
N PHE C 55 -4.80 19.08 11.87
CA PHE C 55 -5.88 18.15 12.19
C PHE C 55 -5.39 17.00 13.07
N ASP C 56 -6.29 16.54 13.93
CA ASP C 56 -6.08 15.33 14.73
C ASP C 56 -5.57 14.20 13.84
N GLU C 57 -6.26 13.99 12.73
CA GLU C 57 -5.96 12.83 11.90
C GLU C 57 -4.56 12.87 11.36
N ILE C 58 -4.09 14.08 11.06
CA ILE C 58 -2.77 14.26 10.50
C ILE C 58 -1.69 13.98 11.56
N ILE C 59 -1.91 14.47 12.78
CA ILE C 59 -1.01 14.15 13.88
C ILE C 59 -1.03 12.65 14.18
N ALA C 60 -2.21 12.02 14.16
CA ALA C 60 -2.29 10.59 14.43
C ALA C 60 -1.52 9.78 13.39
N HIS C 61 -1.58 10.20 12.13
CA HIS C 61 -0.81 9.53 11.09
C HIS C 61 0.69 9.72 11.26
N ARG C 62 1.13 10.93 11.61
CA ARG C 62 2.55 11.13 11.88
C ARG C 62 3.02 10.25 13.01
N LEU C 63 2.17 10.07 14.03
CA LEU C 63 2.50 9.19 15.14
C LEU C 63 2.62 7.74 14.67
N ALA C 64 1.68 7.34 13.81
CA ALA C 64 1.71 5.98 13.25
C ALA C 64 3.00 5.71 12.47
N MET C 65 3.60 6.75 11.91
CA MET C 65 4.78 6.54 11.08
C MET C 65 6.12 6.72 11.81
N ILE C 66 6.07 6.88 13.14
CA ILE C 66 7.28 6.83 13.96
C ILE C 66 7.74 5.40 14.14
N PRO C 67 8.96 5.07 13.70
CA PRO C 67 9.43 3.70 13.95
C PRO C 67 9.63 3.42 15.44
N LEU C 68 9.02 2.35 15.95
CA LEU C 68 9.14 2.01 17.38
C LEU C 68 10.05 0.82 17.57
N THR C 69 10.91 0.87 18.59
CA THR C 69 11.74 -0.31 18.87
C THR C 69 10.88 -1.54 19.07
N THR C 70 11.28 -2.61 18.39
CA THR C 70 10.52 -3.86 18.36
C THR C 70 11.49 -4.97 18.75
N PRO C 71 11.61 -5.22 20.05
CA PRO C 71 12.70 -6.09 20.52
C PRO C 71 12.41 -7.58 20.33
N HIS C 72 13.16 -8.20 19.42
CA HIS C 72 12.94 -9.59 19.04
C HIS C 72 13.32 -10.54 20.17
N GLU C 73 14.08 -10.05 21.13
CA GLU C 73 14.45 -10.86 22.29
C GLU C 73 13.43 -10.70 23.41
N ARG C 74 12.29 -10.08 23.11
CA ARG C 74 11.29 -9.76 24.12
C ARG C 74 9.84 -10.07 23.65
N PHE C 75 9.64 -10.16 22.33
CA PHE C 75 8.35 -10.56 21.78
C PHE C 75 8.60 -11.60 20.73
N SER C 76 7.59 -12.44 20.46
CA SER C 76 7.72 -13.50 19.45
C SER C 76 7.29 -12.94 18.09
N LEU C 77 8.27 -12.57 17.28
CA LEU C 77 7.96 -11.85 16.06
C LEU C 77 7.67 -12.76 14.87
N ASP C 78 7.93 -14.07 15.01
CA ASP C 78 7.59 -15.00 13.94
C ASP C 78 6.33 -15.80 14.27
N ALA C 79 5.60 -15.35 15.28
CA ALA C 79 4.37 -16.01 15.69
C ALA C 79 3.33 -15.84 14.60
N LEU C 80 2.49 -16.85 14.40
CA LEU C 80 1.42 -16.73 13.42
C LEU C 80 0.29 -15.84 13.94
N GLU C 81 0.06 -15.90 15.24
CA GLU C 81 -0.88 -15.03 15.93
C GLU C 81 -0.12 -14.04 16.80
N LEU C 82 -0.14 -12.76 16.44
CA LEU C 82 0.60 -11.76 17.19
C LEU C 82 -0.02 -11.47 18.56
N ASP C 83 0.83 -11.31 19.56
CA ASP C 83 0.38 -10.83 20.87
C ASP C 83 -0.34 -9.52 20.67
N ASP C 84 -1.48 -9.32 21.33
CA ASP C 84 -2.24 -8.09 21.18
C ASP C 84 -1.89 -7.07 22.25
N TYR C 85 -0.80 -7.32 22.97
CA TYR C 85 -0.24 -6.41 23.96
C TYR C 85 -0.16 -4.98 23.45
N THR C 86 -0.73 -4.05 24.22
CA THR C 86 -0.79 -2.65 23.81
C THR C 86 0.14 -1.81 24.64
N VAL C 87 0.89 -0.97 23.95
CA VAL C 87 1.77 0.00 24.59
C VAL C 87 1.18 1.39 24.46
N THR C 88 1.12 2.11 25.57
CA THR C 88 0.58 3.46 25.55
C THR C 88 1.72 4.45 25.46
N LEU C 89 1.71 5.25 24.40
CA LEU C 89 2.65 6.35 24.21
C LEU C 89 1.89 7.65 24.44
N SER C 90 2.18 8.33 25.53
CA SER C 90 1.37 9.47 25.93
C SER C 90 2.13 10.78 25.82
N LEU C 91 1.36 11.84 25.70
CA LEU C 91 1.90 13.20 25.68
C LEU C 91 0.94 14.16 26.34
N GLU C 92 1.48 15.07 27.15
CA GLU C 92 0.72 16.23 27.58
C GLU C 92 1.63 17.43 27.45
N ALA C 93 1.45 18.21 26.39
CA ALA C 93 2.37 19.28 26.05
C ALA C 93 1.69 20.65 25.90
N GLU C 94 2.46 21.71 26.16
CA GLU C 94 1.99 23.05 25.90
C GLU C 94 3.09 23.84 25.21
N GLY C 95 2.73 24.64 24.23
CA GLY C 95 3.69 25.48 23.54
C GLY C 95 4.17 26.64 24.39
N PRO C 96 5.14 27.41 23.87
CA PRO C 96 5.68 27.28 22.52
C PRO C 96 6.77 26.23 22.41
N GLY C 97 6.85 25.60 21.26
CA GLY C 97 7.90 24.65 20.98
C GLY C 97 7.47 23.52 20.09
N MET C 98 8.46 22.87 19.48
CA MET C 98 8.23 21.71 18.65
C MET C 98 8.08 20.45 19.50
N VAL C 99 7.01 19.70 19.25
CA VAL C 99 6.84 18.38 19.84
C VAL C 99 7.62 17.36 19.01
N TYR C 100 8.46 16.57 19.69
CA TYR C 100 9.28 15.53 19.05
C TYR C 100 8.87 14.13 19.50
N SER C 101 9.21 13.14 18.69
CA SER C 101 9.04 11.75 19.06
C SER C 101 9.64 11.45 20.43
N GLY C 102 10.77 12.10 20.76
CA GLY C 102 11.42 11.89 22.03
C GLY C 102 10.63 12.38 23.24
N ASP C 103 9.58 13.16 23.00
CA ASP C 103 8.75 13.65 24.09
C ASP C 103 7.69 12.65 24.52
N LEU C 104 7.47 11.62 23.71
CA LEU C 104 6.51 10.57 24.07
C LEU C 104 6.96 9.77 25.28
N LYS C 105 6.04 9.55 26.20
CA LYS C 105 6.30 8.66 27.32
C LYS C 105 5.70 7.29 27.01
N SER C 106 6.38 6.22 27.41
CA SER C 106 5.89 4.89 27.06
C SER C 106 5.61 4.00 28.27
N SER C 107 4.44 3.36 28.25
CA SER C 107 4.10 2.36 29.27
C SER C 107 5.00 1.13 29.24
N ASP C 108 5.84 1.01 28.21
CA ASP C 108 6.77 -0.12 28.11
C ASP C 108 8.14 0.39 27.67
N GLY C 109 9.10 0.30 28.57
CA GLY C 109 10.44 0.80 28.33
C GLY C 109 11.13 0.25 27.09
N ASP C 110 10.73 -0.92 26.61
CA ASP C 110 11.42 -1.44 25.44
C ASP C 110 10.61 -1.27 24.15
N VAL C 111 9.50 -0.52 24.21
CA VAL C 111 8.82 -0.10 23.00
C VAL C 111 8.71 1.42 23.03
N LYS C 112 9.62 2.07 22.34
CA LYS C 112 9.77 3.52 22.34
C LYS C 112 10.24 3.90 20.95
N PRO C 113 10.08 5.17 20.57
CA PRO C 113 10.68 5.58 19.29
C PRO C 113 12.19 5.30 19.26
N ALA C 114 12.67 4.74 18.16
CA ALA C 114 14.10 4.48 18.00
C ALA C 114 14.86 5.80 17.88
N ASN C 115 14.20 6.78 17.27
CA ASN C 115 14.78 8.09 16.99
C ASN C 115 13.97 9.11 17.74
N PRO C 116 14.60 9.84 18.67
CA PRO C 116 13.92 10.82 19.53
C PRO C 116 13.74 12.20 18.89
N ASN C 117 14.21 12.36 17.66
CA ASN C 117 14.34 13.68 17.07
C ASN C 117 13.39 13.93 15.90
N ILE C 118 12.37 13.09 15.77
CA ILE C 118 11.40 13.24 14.69
C ILE C 118 10.39 14.30 15.09
N PRO C 119 10.26 15.35 14.28
CA PRO C 119 9.31 16.41 14.62
C PRO C 119 7.91 15.93 14.37
N ILE C 120 7.00 16.17 15.30
CA ILE C 120 5.61 15.79 15.10
C ILE C 120 4.76 17.02 14.74
N VAL C 121 4.78 18.03 15.61
CA VAL C 121 4.04 19.27 15.33
C VAL C 121 4.53 20.41 16.22
N LYS C 122 4.56 21.62 15.65
CA LYS C 122 4.93 22.80 16.39
C LYS C 122 3.73 23.31 17.15
N LEU C 123 3.93 23.67 18.41
CA LEU C 123 2.89 24.33 19.19
C LEU C 123 3.24 25.80 19.42
N ALA C 124 2.27 26.69 19.20
CA ALA C 124 2.46 28.10 19.51
C ALA C 124 2.14 28.35 20.98
N GLU C 125 2.34 29.59 21.41
CA GLU C 125 2.05 29.99 22.79
C GLU C 125 0.64 29.58 23.20
N GLY C 126 0.52 28.93 24.35
CA GLY C 126 -0.78 28.58 24.90
C GLY C 126 -1.44 27.37 24.28
N GLN C 127 -0.88 26.85 23.20
CA GLN C 127 -1.50 25.72 22.52
C GLN C 127 -1.13 24.42 23.21
N ARG C 128 -2.14 23.62 23.53
CA ARG C 128 -1.91 22.35 24.19
C ARG C 128 -2.18 21.16 23.28
N LEU C 129 -1.45 20.09 23.52
CA LEU C 129 -1.63 18.86 22.77
C LEU C 129 -1.50 17.71 23.75
N THR C 130 -2.57 16.96 23.91
CA THR C 130 -2.63 15.90 24.91
C THR C 130 -3.31 14.72 24.27
N PHE C 131 -2.61 13.58 24.25
CA PHE C 131 -3.20 12.38 23.66
C PHE C 131 -2.60 11.13 24.28
N ASN C 132 -3.31 10.02 24.10
CA ASN C 132 -2.82 8.71 24.40
C ASN C 132 -2.78 7.93 23.10
N ALA C 133 -1.60 7.50 22.67
CA ALA C 133 -1.45 6.77 21.42
C ALA C 133 -1.18 5.31 21.75
N TYR C 134 -1.89 4.41 21.07
CA TYR C 134 -1.79 3.01 21.45
C TYR C 134 -1.09 2.22 20.36
N ALA C 135 0.04 1.61 20.72
CA ALA C 135 0.86 0.87 19.76
C ALA C 135 0.73 -0.62 19.98
N ARG C 136 0.72 -1.36 18.89
CA ARG C 136 0.60 -2.82 18.94
C ARG C 136 1.40 -3.40 17.82
N LEU C 137 1.71 -4.70 17.95
CA LEU C 137 2.33 -5.44 16.85
C LEU C 137 1.32 -5.55 15.72
N GLY C 138 1.80 -5.42 14.49
CA GLY C 138 0.95 -5.58 13.34
C GLY C 138 1.79 -5.82 12.12
N ARG C 139 1.12 -6.04 10.98
CA ARG C 139 1.79 -6.42 9.76
C ARG C 139 1.51 -5.45 8.61
N GLY C 140 2.49 -5.34 7.72
CA GLY C 140 2.39 -4.43 6.59
C GLY C 140 1.19 -4.68 5.71
N LYS C 141 0.76 -5.94 5.61
CA LYS C 141 -0.39 -6.22 4.75
C LYS C 141 -1.65 -5.54 5.28
N ASP C 142 -1.68 -5.24 6.56
CA ASP C 142 -2.84 -4.58 7.16
C ASP C 142 -2.76 -3.06 7.02
N HIS C 143 -1.58 -2.52 7.27
CA HIS C 143 -1.34 -1.11 7.04
C HIS C 143 0.15 -0.87 6.90
N ALA C 144 0.51 0.04 6.00
CA ALA C 144 1.91 0.36 5.71
C ALA C 144 2.72 0.79 6.93
N LYS C 145 2.04 1.33 7.95
CA LYS C 145 2.66 1.76 9.20
C LYS C 145 3.44 0.62 9.85
N TRP C 146 3.03 -0.62 9.55
CA TRP C 146 3.67 -1.75 10.22
C TRP C 146 4.80 -2.37 9.41
N GLN C 147 4.93 -1.96 8.16
CA GLN C 147 6.01 -2.46 7.32
CA GLN C 147 6.03 -2.43 7.31
C GLN C 147 7.38 -2.17 7.98
N PRO C 148 8.28 -3.17 8.00
CA PRO C 148 9.55 -2.98 8.70
C PRO C 148 10.64 -2.30 7.88
N GLY C 149 10.32 -2.01 6.62
CA GLY C 149 11.32 -1.42 5.77
C GLY C 149 10.95 -1.61 4.32
N PHE C 150 11.96 -1.68 3.48
CA PHE C 150 11.68 -1.88 2.07
CA PHE C 150 11.87 -1.67 2.03
C PHE C 150 12.62 -2.88 1.48
N VAL C 151 12.15 -3.51 0.41
CA VAL C 151 12.87 -4.58 -0.22
C VAL C 151 12.81 -4.40 -1.71
N TYR C 152 13.94 -4.64 -2.35
CA TYR C 152 14.06 -4.59 -3.80
CA TYR C 152 14.01 -4.64 -3.81
C TYR C 152 14.72 -5.89 -4.22
N TYR C 153 14.26 -6.50 -5.31
CA TYR C 153 15.02 -7.64 -5.81
C TYR C 153 14.95 -7.67 -7.32
N LYS C 154 15.97 -8.30 -7.91
CA LYS C 154 16.08 -8.43 -9.35
C LYS C 154 16.63 -9.82 -9.67
N TYR C 155 16.45 -10.26 -10.91
CA TYR C 155 17.19 -11.40 -11.39
C TYR C 155 18.68 -11.09 -11.32
N LEU C 156 19.49 -12.06 -10.91
CA LEU C 156 20.92 -11.93 -11.20
C LEU C 156 21.10 -12.27 -12.67
N THR C 157 21.78 -11.39 -13.42
CA THR C 157 21.99 -11.65 -14.85
C THR C 157 23.43 -11.38 -15.26
N LYS C 158 23.79 -11.92 -16.41
CA LYS C 158 25.07 -11.60 -17.06
C LYS C 158 24.81 -10.87 -18.37
N ILE C 159 25.44 -9.71 -18.53
CA ILE C 159 25.32 -8.96 -19.77
C ILE C 159 26.59 -9.16 -20.61
N HIS C 160 26.47 -9.85 -21.73
CA HIS C 160 27.62 -10.03 -22.63
C HIS C 160 27.62 -8.99 -23.72
N VAL C 161 28.75 -8.34 -23.93
CA VAL C 161 28.85 -7.34 -24.98
C VAL C 161 29.95 -7.77 -25.94
N SER C 162 29.56 -8.16 -27.16
CA SER C 162 30.53 -8.52 -28.19
C SER C 162 31.44 -7.33 -28.48
N LYS C 163 32.67 -7.63 -28.86
CA LYS C 163 33.66 -6.59 -29.13
C LYS C 163 33.55 -6.06 -30.56
N ASP C 164 32.61 -6.60 -31.31
CA ASP C 164 32.29 -6.05 -32.63
C ASP C 164 31.25 -4.92 -32.51
N VAL C 165 30.77 -4.68 -31.29
CA VAL C 165 29.99 -3.48 -31.02
C VAL C 165 30.97 -2.32 -30.83
N PRO C 166 30.81 -1.25 -31.62
CA PRO C 166 31.72 -0.09 -31.53
C PRO C 166 31.64 0.56 -30.16
N ASP C 167 32.81 0.92 -29.62
CA ASP C 167 32.93 1.57 -28.31
C ASP C 167 32.42 0.69 -27.17
N TRP C 168 32.73 -0.60 -27.22
CA TRP C 168 32.37 -1.49 -26.11
C TRP C 168 33.14 -1.11 -24.85
N GLU C 169 34.30 -0.48 -25.03
CA GLU C 169 35.16 -0.11 -23.93
C GLU C 169 34.48 0.84 -22.94
N GLU C 170 33.52 1.62 -23.43
CA GLU C 170 32.79 2.57 -22.60
C GLU C 170 31.85 1.85 -21.63
N LEU C 171 31.36 0.70 -22.07
CA LEU C 171 30.48 -0.13 -21.23
C LEU C 171 31.28 -0.78 -20.11
N LYS C 172 32.49 -1.24 -20.44
CA LYS C 172 33.41 -1.74 -19.44
C LYS C 172 33.76 -0.64 -18.44
N GLU C 173 34.12 0.53 -18.95
CA GLU C 173 34.42 1.67 -18.11
C GLU C 173 33.26 1.97 -17.15
N LEU C 174 32.05 2.01 -17.69
CA LEU C 174 30.86 2.29 -16.89
C LEU C 174 30.60 1.24 -15.80
N ALA C 175 30.68 -0.03 -16.18
CA ALA C 175 30.47 -1.11 -15.22
C ALA C 175 31.51 -1.05 -14.10
N GLU C 176 32.75 -0.77 -14.45
CA GLU C 176 33.80 -0.69 -13.45
C GLU C 176 33.65 0.55 -12.56
N ARG C 177 33.25 1.67 -13.18
CA ARG C 177 32.97 2.89 -12.41
C ARG C 177 31.88 2.67 -11.35
N ARG C 178 30.89 1.84 -11.65
CA ARG C 178 29.78 1.65 -10.72
C ARG C 178 29.89 0.39 -9.87
N GLY C 179 31.02 -0.29 -9.96
CA GLY C 179 31.30 -1.43 -9.10
C GLY C 179 30.60 -2.72 -9.47
N LEU C 180 30.29 -2.90 -10.76
CA LEU C 180 29.71 -4.17 -11.21
C LEU C 180 30.80 -5.11 -11.72
N PRO C 181 30.69 -6.40 -11.40
CA PRO C 181 31.66 -7.41 -11.88
C PRO C 181 31.77 -7.45 -13.40
N VAL C 182 33.00 -7.47 -13.91
CA VAL C 182 33.24 -7.53 -15.34
C VAL C 182 34.18 -8.68 -15.71
N GLU C 183 33.71 -9.55 -16.59
CA GLU C 183 34.55 -10.61 -17.15
C GLU C 183 34.95 -10.16 -18.55
N GLU C 184 36.17 -10.47 -18.96
CA GLU C 184 36.59 -10.10 -20.30
C GLU C 184 37.37 -11.21 -20.98
N SER C 185 37.08 -11.39 -22.26
CA SER C 185 37.86 -12.23 -23.16
C SER C 185 38.30 -11.34 -24.31
N ASP C 186 38.84 -11.92 -25.38
CA ASP C 186 39.10 -11.12 -26.56
C ASP C 186 37.92 -11.22 -27.52
N GLU C 187 36.87 -11.88 -27.06
CA GLU C 187 35.62 -12.00 -27.81
C GLU C 187 34.56 -11.04 -27.27
N GLU C 188 34.58 -10.84 -25.95
CA GLU C 188 33.48 -10.15 -25.29
C GLU C 188 33.83 -9.63 -23.89
N ILE C 189 32.96 -8.77 -23.37
CA ILE C 189 32.96 -8.48 -21.94
C ILE C 189 31.66 -9.00 -21.36
N VAL C 190 31.69 -9.43 -20.10
CA VAL C 190 30.49 -9.92 -19.41
C VAL C 190 30.28 -9.20 -18.09
N ILE C 191 29.18 -8.47 -17.99
CA ILE C 191 28.87 -7.69 -16.80
C ILE C 191 27.82 -8.40 -15.93
N THR C 192 28.15 -8.62 -14.66
CA THR C 192 27.21 -9.21 -13.72
C THR C 192 26.37 -8.13 -13.03
N THR C 193 25.06 -8.25 -13.13
CA THR C 193 24.18 -7.18 -12.68
C THR C 193 23.76 -7.28 -11.21
N ILE C 194 24.71 -7.06 -10.32
CA ILE C 194 24.41 -7.01 -8.89
C ILE C 194 23.66 -5.71 -8.56
N LYS C 195 23.61 -4.82 -9.53
CA LYS C 195 22.72 -3.67 -9.49
C LYS C 195 22.29 -3.42 -10.95
N ALA C 196 21.32 -2.52 -11.14
CA ALA C 196 20.82 -2.24 -12.48
C ALA C 196 21.89 -1.63 -13.38
N PHE C 197 21.85 -2.01 -14.65
CA PHE C 197 22.81 -1.54 -15.63
C PHE C 197 22.06 -1.09 -16.88
N TYR C 198 21.69 0.18 -16.92
CA TYR C 198 20.99 0.71 -18.08
C TYR C 198 21.98 1.06 -19.16
N LEU C 199 21.79 0.52 -20.35
CA LEU C 199 22.71 0.82 -21.43
C LEU C 199 22.59 2.27 -21.85
N PRO C 200 23.74 2.94 -22.02
CA PRO C 200 23.79 4.25 -22.66
C PRO C 200 23.04 4.20 -23.98
N ARG C 201 22.38 5.30 -24.35
CA ARG C 201 21.47 5.33 -25.48
C ARG C 201 22.11 4.85 -26.78
N LYS C 202 23.42 5.04 -26.89
CA LYS C 202 24.19 4.58 -28.06
C LYS C 202 23.97 3.11 -28.36
N PHE C 203 23.90 2.30 -27.31
CA PHE C 203 24.03 0.85 -27.45
C PHE C 203 22.69 0.12 -27.56
N GLU C 204 21.59 0.85 -27.36
CA GLU C 204 20.25 0.25 -27.40
C GLU C 204 19.97 -0.41 -28.76
N GLU C 205 20.49 0.16 -29.84
CA GLU C 205 20.23 -0.38 -31.17
C GLU C 205 21.03 -1.66 -31.45
N HIS C 206 21.89 -2.05 -30.52
CA HIS C 206 22.71 -3.26 -30.66
C HIS C 206 22.15 -4.44 -29.85
N MET C 207 21.02 -4.23 -29.18
CA MET C 207 20.21 -5.34 -28.67
C MET C 207 20.00 -6.40 -29.72
N GLY C 208 19.92 -7.66 -29.29
CA GLY C 208 19.62 -8.77 -30.17
C GLY C 208 20.72 -9.02 -31.19
N LYS C 209 21.93 -8.57 -30.89
CA LYS C 209 23.05 -8.73 -31.81
C LYS C 209 24.30 -9.06 -30.98
N GLY C 210 25.08 -8.06 -30.58
CA GLY C 210 26.38 -8.30 -30.01
C GLY C 210 26.35 -8.00 -28.53
N ILE C 211 25.19 -7.58 -28.02
CA ILE C 211 25.05 -7.43 -26.57
C ILE C 211 23.88 -8.28 -26.12
N ARG C 212 24.14 -9.16 -25.16
CA ARG C 212 23.17 -10.13 -24.68
C ARG C 212 23.12 -10.11 -23.15
N GLU C 213 21.93 -10.24 -22.59
CA GLU C 213 21.79 -10.36 -21.14
C GLU C 213 21.17 -11.72 -20.81
N GLU C 214 21.90 -12.53 -20.04
CA GLU C 214 21.46 -13.89 -19.71
C GLU C 214 21.07 -13.98 -18.22
N ILE C 215 19.85 -14.43 -17.95
CA ILE C 215 19.44 -14.67 -16.57
C ILE C 215 20.19 -15.86 -16.00
N VAL C 216 20.76 -15.69 -14.81
CA VAL C 216 21.36 -16.80 -14.09
C VAL C 216 20.25 -17.56 -13.36
N PRO C 217 19.91 -18.77 -13.85
CA PRO C 217 18.73 -19.45 -13.31
C PRO C 217 18.80 -19.65 -11.80
N GLY C 218 17.74 -19.23 -11.10
CA GLY C 218 17.61 -19.52 -9.69
C GLY C 218 18.28 -18.54 -8.74
N SER C 219 18.95 -17.52 -9.28
CA SER C 219 19.65 -16.56 -8.43
C SER C 219 19.02 -15.18 -8.50
N PHE C 220 18.90 -14.56 -7.33
CA PHE C 220 18.21 -13.28 -7.23
C PHE C 220 19.00 -12.36 -6.32
N VAL C 221 19.04 -11.07 -6.68
CA VAL C 221 19.77 -10.09 -5.88
C VAL C 221 18.77 -9.30 -5.07
N PHE C 222 18.86 -9.41 -3.75
CA PHE C 222 17.97 -8.71 -2.83
C PHE C 222 18.70 -7.57 -2.16
N THR C 223 18.04 -6.42 -2.07
CA THR C 223 18.52 -5.32 -1.25
C THR C 223 17.43 -4.98 -0.25
N VAL C 224 17.77 -4.96 1.04
CA VAL C 224 16.77 -4.72 2.07
C VAL C 224 17.21 -3.57 2.96
N GLU C 225 16.30 -2.67 3.31
CA GLU C 225 16.56 -1.61 4.28
C GLU C 225 15.51 -1.68 5.39
N THR C 226 15.94 -1.40 6.61
CA THR C 226 15.02 -1.32 7.73
C THR C 226 14.68 0.14 8.06
N ASN C 227 13.48 0.38 8.61
CA ASN C 227 13.10 1.69 9.13
C ASN C 227 13.73 1.98 10.49
N GLY C 228 14.43 0.99 11.04
CA GLY C 228 15.06 1.16 12.34
C GLY C 228 14.35 0.48 13.51
N GLU C 229 13.26 -0.24 13.26
CA GLU C 229 12.55 -0.94 14.34
C GLU C 229 13.22 -2.26 14.67
N LEU C 230 13.80 -2.88 13.64
CA LEU C 230 14.41 -4.20 13.69
C LEU C 230 15.74 -4.15 12.95
N PRO C 231 16.70 -4.97 13.36
CA PRO C 231 17.93 -5.09 12.56
C PRO C 231 17.61 -5.69 11.19
N VAL C 232 18.26 -5.24 10.13
CA VAL C 232 17.88 -5.69 8.79
C VAL C 232 18.11 -7.21 8.61
N GLU C 233 19.15 -7.76 9.22
CA GLU C 233 19.38 -9.20 9.14
C GLU C 233 18.27 -9.96 9.83
N GLU C 234 17.74 -9.40 10.91
CA GLU C 234 16.65 -10.04 11.64
C GLU C 234 15.35 -10.09 10.81
N ILE C 235 15.11 -9.06 10.02
CA ILE C 235 13.95 -9.01 9.12
C ILE C 235 13.94 -10.24 8.21
N VAL C 236 15.10 -10.56 7.64
CA VAL C 236 15.18 -11.69 6.71
C VAL C 236 14.99 -13.00 7.46
N SER C 237 15.60 -13.12 8.63
CA SER C 237 15.50 -14.33 9.44
C SER C 237 14.06 -14.58 9.87
N ILE C 238 13.40 -13.52 10.32
CA ILE C 238 12.01 -13.64 10.74
C ILE C 238 11.13 -14.06 9.57
N ALA C 239 11.36 -13.45 8.40
CA ALA C 239 10.55 -13.80 7.22
C ALA C 239 10.63 -15.29 6.87
N LEU C 240 11.84 -15.83 6.87
CA LEU C 240 12.03 -17.25 6.57
C LEU C 240 11.36 -18.12 7.62
N LYS C 241 11.51 -17.74 8.89
CA LYS C 241 10.86 -18.47 9.97
C LYS C 241 9.33 -18.42 9.86
N ILE C 242 8.80 -17.29 9.40
CA ILE C 242 7.35 -17.20 9.22
C ILE C 242 6.87 -18.19 8.16
N LEU C 243 7.60 -18.28 7.07
CA LEU C 243 7.25 -19.22 6.01
C LEU C 243 7.32 -20.67 6.52
N MET C 244 8.35 -20.98 7.31
CA MET C 244 8.44 -22.31 7.93
C MET C 244 7.26 -22.57 8.86
N ARG C 245 6.93 -21.59 9.69
CA ARG C 245 5.87 -21.78 10.66
C ARG C 245 4.50 -21.95 9.99
N LYS C 246 4.23 -21.14 8.96
CA LYS C 246 2.97 -21.27 8.21
C LYS C 246 2.85 -22.66 7.61
N SER C 247 3.91 -23.13 6.98
CA SER C 247 3.85 -24.40 6.28
C SER C 247 3.76 -25.56 7.26
N ASP C 248 4.50 -25.49 8.36
CA ASP C 248 4.47 -26.53 9.37
C ASP C 248 3.10 -26.60 10.03
N ARG C 249 2.53 -25.45 10.37
CA ARG C 249 1.21 -25.39 10.99
C ARG C 249 0.14 -25.93 10.05
N PHE C 250 0.28 -25.66 8.76
CA PHE C 250 -0.66 -26.16 7.77
C PHE C 250 -0.55 -27.67 7.64
N ILE C 251 0.68 -28.19 7.60
CA ILE C 251 0.90 -29.64 7.55
C ILE C 251 0.28 -30.27 8.78
N ASN C 252 0.37 -29.56 9.90
CA ASN C 252 -0.23 -30.03 11.14
C ASN C 252 -1.75 -30.08 11.07
N GLU C 253 -2.39 -29.05 10.51
CA GLU C 253 -3.85 -29.07 10.41
C GLU C 253 -4.31 -30.14 9.41
N LEU C 254 -3.51 -30.38 8.38
CA LEU C 254 -3.82 -31.45 7.43
C LEU C 254 -3.85 -32.82 8.10
N HIS C 255 -2.89 -33.09 8.98
CA HIS C 255 -2.83 -34.37 9.69
C HIS C 255 -4.05 -34.55 10.60
N LYS C 256 -4.62 -33.43 11.03
CA LYS C 256 -5.75 -33.47 11.96
C LYS C 256 -7.06 -33.64 11.17
N LEU C 257 -6.97 -33.43 9.86
CA LEU C 257 -8.09 -33.73 8.97
C LEU C 257 -8.26 -35.24 8.84
N ALA C 258 -7.20 -35.96 9.14
CA ALA C 258 -7.20 -37.42 9.07
C ALA C 258 -7.35 -38.05 10.44
N MET D 1 -4.36 -20.40 12.55
CA MET D 1 -4.61 -21.13 11.31
C MET D 1 -5.44 -22.39 11.55
N ARG D 2 -6.49 -22.56 10.76
CA ARG D 2 -7.28 -23.78 10.80
C ARG D 2 -7.99 -24.01 9.49
N ILE D 3 -8.17 -25.28 9.13
CA ILE D 3 -8.84 -25.64 7.88
C ILE D 3 -10.34 -25.71 8.10
N GLU D 4 -11.09 -24.90 7.34
CA GLU D 4 -12.54 -24.97 7.41
C GLU D 4 -13.08 -25.53 6.09
N VAL D 5 -13.53 -26.79 6.12
CA VAL D 5 -13.90 -27.46 4.89
C VAL D 5 -15.22 -26.94 4.36
N ILE D 6 -15.26 -26.66 3.06
CA ILE D 6 -16.44 -26.18 2.37
C ILE D 6 -17.16 -27.32 1.63
N ARG D 7 -16.41 -28.10 0.86
CA ARG D 7 -17.02 -29.21 0.15
C ARG D 7 -15.97 -30.27 -0.16
N ARG D 8 -16.42 -31.52 -0.23
CA ARG D 8 -15.59 -32.60 -0.69
C ARG D 8 -16.33 -33.35 -1.79
N GLU D 9 -15.57 -33.79 -2.80
CA GLU D 9 -15.99 -34.85 -3.71
C GLU D 9 -14.81 -35.78 -3.86
N GLU D 10 -14.99 -36.86 -4.62
CA GLU D 10 -13.85 -37.70 -4.95
C GLU D 10 -12.87 -36.83 -5.74
N ASN D 11 -11.63 -36.82 -5.29
CA ASN D 11 -10.55 -36.04 -5.90
C ASN D 11 -10.74 -34.53 -5.81
N LEU D 12 -11.60 -34.06 -4.91
CA LEU D 12 -11.76 -32.61 -4.74
C LEU D 12 -11.86 -32.19 -3.28
N LEU D 13 -11.15 -31.12 -2.94
CA LEU D 13 -11.31 -30.52 -1.62
C LEU D 13 -11.38 -29.02 -1.76
N GLU D 14 -12.43 -28.42 -1.20
CA GLU D 14 -12.52 -26.97 -1.11
C GLU D 14 -12.57 -26.57 0.36
N PHE D 15 -11.84 -25.53 0.72
CA PHE D 15 -11.73 -25.17 2.13
C PHE D 15 -11.25 -23.73 2.31
N TYR D 16 -11.63 -23.13 3.44
CA TYR D 16 -10.97 -21.90 3.88
C TYR D 16 -9.74 -22.21 4.72
N LEU D 17 -8.73 -21.36 4.63
CA LEU D 17 -7.60 -21.42 5.56
C LEU D 17 -7.60 -20.21 6.46
N GLU D 18 -8.17 -20.38 7.65
CA GLU D 18 -8.26 -19.32 8.65
C GLU D 18 -6.90 -18.69 8.93
N GLY D 19 -6.88 -17.35 8.96
CA GLY D 19 -5.70 -16.62 9.36
C GLY D 19 -4.65 -16.40 8.28
N GLU D 20 -4.91 -16.87 7.07
CA GLU D 20 -3.93 -16.75 6.00
C GLU D 20 -4.34 -15.67 4.99
N ASP D 21 -3.46 -15.46 4.01
CA ASP D 21 -3.63 -14.37 3.06
C ASP D 21 -2.85 -14.69 1.78
N HIS D 22 -2.67 -13.69 0.93
CA HIS D 22 -2.08 -13.94 -0.40
C HIS D 22 -0.74 -14.65 -0.39
N THR D 23 0.17 -14.24 0.50
CA THR D 23 1.54 -14.72 0.43
C THR D 23 1.59 -16.24 0.51
N PHE D 24 0.99 -16.82 1.53
CA PHE D 24 1.01 -18.29 1.66
C PHE D 24 0.09 -18.96 0.63
N ALA D 25 -1.09 -18.38 0.43
CA ALA D 25 -2.06 -18.95 -0.51
C ALA D 25 -1.48 -19.07 -1.92
N ASN D 26 -0.82 -18.02 -2.36
CA ASN D 26 -0.23 -18.00 -3.69
C ASN D 26 0.93 -18.98 -3.77
N LEU D 27 1.78 -18.99 -2.75
CA LEU D 27 2.95 -19.89 -2.79
C LEU D 27 2.50 -21.35 -2.77
N LEU D 28 1.50 -21.65 -1.95
CA LEU D 28 0.95 -23.01 -1.88
C LEU D 28 0.37 -23.46 -3.23
N THR D 29 -0.39 -22.58 -3.85
CA THR D 29 -0.98 -22.82 -5.17
C THR D 29 0.07 -23.07 -6.25
N GLU D 30 1.06 -22.18 -6.30
CA GLU D 30 2.13 -22.31 -7.28
C GLU D 30 2.88 -23.63 -7.09
N THR D 31 3.08 -24.01 -5.84
CA THR D 31 3.80 -25.24 -5.54
C THR D 31 2.97 -26.47 -5.91
N LEU D 32 1.67 -26.42 -5.68
CA LEU D 32 0.80 -27.52 -6.09
C LEU D 32 0.85 -27.77 -7.60
N HIS D 33 1.07 -26.70 -8.38
CA HIS D 33 1.13 -26.85 -9.83
C HIS D 33 2.32 -27.67 -10.31
N GLU D 34 3.28 -27.91 -9.42
CA GLU D 34 4.43 -28.74 -9.77
C GLU D 34 4.05 -30.21 -9.95
N ASN D 35 2.93 -30.61 -9.37
CA ASN D 35 2.49 -32.01 -9.45
C ASN D 35 1.52 -32.21 -10.60
N GLU D 36 1.91 -33.04 -11.58
CA GLU D 36 1.10 -33.26 -12.78
C GLU D 36 -0.28 -33.83 -12.44
N HIS D 37 -0.39 -34.46 -11.28
CA HIS D 37 -1.63 -35.11 -10.88
C HIS D 37 -2.61 -34.16 -10.22
N VAL D 38 -2.17 -32.91 -10.04
CA VAL D 38 -3.07 -31.87 -9.62
C VAL D 38 -3.72 -31.28 -10.86
N THR D 39 -5.00 -31.58 -11.05
CA THR D 39 -5.81 -31.03 -12.13
C THR D 39 -5.93 -29.53 -12.01
N PHE D 40 -6.21 -29.08 -10.80
CA PHE D 40 -6.40 -27.67 -10.55
C PHE D 40 -6.06 -27.33 -9.11
N ALA D 41 -5.41 -26.18 -8.93
CA ALA D 41 -5.27 -25.60 -7.61
C ALA D 41 -5.40 -24.11 -7.74
N GLY D 42 -6.18 -23.51 -6.87
CA GLY D 42 -6.41 -22.08 -6.96
C GLY D 42 -7.01 -21.57 -5.68
N TYR D 43 -6.98 -20.26 -5.49
CA TYR D 43 -7.65 -19.67 -4.34
C TYR D 43 -8.24 -18.34 -4.73
N THR D 44 -9.16 -17.87 -3.90
CA THR D 44 -9.72 -16.53 -3.99
C THR D 44 -9.80 -15.96 -2.57
N ILE D 45 -9.71 -14.63 -2.45
CA ILE D 45 -9.91 -13.95 -1.17
C ILE D 45 -10.92 -12.81 -1.34
N GLU D 46 -11.84 -12.65 -0.40
CA GLU D 46 -12.69 -11.46 -0.37
C GLU D 46 -11.96 -10.28 0.31
N ARG D 53 -11.21 -12.45 7.11
CA ARG D 53 -10.42 -12.52 5.87
C ARG D 53 -9.62 -13.82 5.84
N LYS D 54 -9.81 -14.58 4.76
CA LYS D 54 -9.22 -15.91 4.63
C LYS D 54 -9.33 -16.39 3.20
N PRO D 55 -8.31 -17.10 2.72
CA PRO D 55 -8.37 -17.63 1.36
C PRO D 55 -9.33 -18.81 1.24
N ARG D 56 -10.08 -18.86 0.16
CA ARG D 56 -10.88 -20.03 -0.20
C ARG D 56 -10.13 -20.85 -1.24
N PHE D 57 -9.70 -22.06 -0.86
CA PHE D 57 -8.91 -22.92 -1.74
C PHE D 57 -9.74 -23.96 -2.44
N LYS D 58 -9.35 -24.28 -3.67
CA LYS D 58 -9.92 -25.44 -4.35
C LYS D 58 -8.75 -26.28 -4.89
N VAL D 59 -8.74 -27.55 -4.55
CA VAL D 59 -7.71 -28.46 -5.05
C VAL D 59 -8.38 -29.70 -5.63
N VAL D 60 -8.07 -29.96 -6.89
CA VAL D 60 -8.64 -31.11 -7.60
C VAL D 60 -7.51 -31.98 -8.13
N THR D 61 -7.62 -33.29 -7.95
CA THR D 61 -6.61 -34.21 -8.47
C THR D 61 -7.21 -35.15 -9.51
N ASP D 62 -6.35 -35.90 -10.19
CA ASP D 62 -6.79 -36.88 -11.18
C ASP D 62 -6.99 -38.25 -10.52
N GLY D 63 -6.94 -38.27 -9.20
CA GLY D 63 -7.18 -39.50 -8.46
C GLY D 63 -5.94 -40.30 -8.14
N LYS D 64 -4.81 -39.96 -8.77
CA LYS D 64 -3.58 -40.70 -8.53
C LYS D 64 -2.96 -40.28 -7.20
N ILE D 65 -3.47 -39.18 -6.66
CA ILE D 65 -3.10 -38.68 -5.34
C ILE D 65 -4.32 -37.97 -4.80
N THR D 66 -4.52 -37.99 -3.48
CA THR D 66 -5.63 -37.24 -2.89
C THR D 66 -5.29 -35.76 -2.84
N PRO D 67 -6.32 -34.91 -2.77
CA PRO D 67 -6.07 -33.49 -2.54
C PRO D 67 -5.26 -33.27 -1.26
N GLU D 68 -5.61 -33.98 -0.20
CA GLU D 68 -4.91 -33.82 1.06
C GLU D 68 -3.42 -34.15 0.94
N LYS D 69 -3.10 -35.20 0.20
CA LYS D 69 -1.69 -35.60 0.11
C LYS D 69 -0.94 -34.64 -0.81
N ALA D 70 -1.61 -34.13 -1.84
CA ALA D 70 -1.00 -33.12 -2.69
C ALA D 70 -0.72 -31.86 -1.87
N LEU D 71 -1.68 -31.47 -1.03
CA LEU D 71 -1.50 -30.30 -0.18
C LEU D 71 -0.34 -30.50 0.79
N GLU D 72 -0.24 -31.69 1.38
CA GLU D 72 0.86 -31.95 2.31
C GLU D 72 2.21 -31.91 1.59
N GLU D 73 2.29 -32.54 0.41
CA GLU D 73 3.51 -32.54 -0.39
C GLU D 73 3.92 -31.09 -0.75
N ALA D 74 2.94 -30.28 -1.11
CA ALA D 74 3.26 -28.91 -1.47
C ALA D 74 3.75 -28.12 -0.26
N ALA D 75 3.06 -28.28 0.86
CA ALA D 75 3.43 -27.57 2.07
C ALA D 75 4.81 -28.02 2.55
N GLN D 76 5.09 -29.30 2.37
CA GLN D 76 6.39 -29.84 2.74
C GLN D 76 7.51 -29.27 1.89
N LYS D 77 7.24 -29.05 0.61
CA LYS D 77 8.22 -28.42 -0.26
C LYS D 77 8.52 -27.01 0.22
N ILE D 78 7.47 -26.27 0.57
CA ILE D 78 7.66 -24.90 1.07
C ILE D 78 8.47 -24.90 2.35
N PHE D 79 8.10 -25.76 3.28
CA PHE D 79 8.84 -25.86 4.54
C PHE D 79 10.31 -26.23 4.29
N ASP D 80 10.54 -27.27 3.49
CA ASP D 80 11.92 -27.69 3.22
C ASP D 80 12.75 -26.59 2.57
N ARG D 81 12.15 -25.85 1.65
CA ARG D 81 12.91 -24.83 0.94
C ARG D 81 13.20 -23.69 1.90
N ALA D 82 12.20 -23.30 2.68
CA ALA D 82 12.39 -22.21 3.64
C ALA D 82 13.43 -22.61 4.68
N ARG D 83 13.37 -23.85 5.13
CA ARG D 83 14.31 -24.31 6.16
C ARG D 83 15.72 -24.34 5.61
N GLU D 84 15.85 -24.81 4.37
CA GLU D 84 17.15 -24.88 3.72
C GLU D 84 17.72 -23.48 3.49
N VAL D 85 16.86 -22.56 3.05
CA VAL D 85 17.30 -21.19 2.84
C VAL D 85 17.69 -20.54 4.17
N LEU D 86 16.91 -20.77 5.22
CA LEU D 86 17.24 -20.18 6.52
C LEU D 86 18.57 -20.71 7.05
N GLU D 87 18.85 -21.99 6.86
CA GLU D 87 20.13 -22.53 7.31
C GLU D 87 21.28 -21.90 6.55
N ALA D 88 21.10 -21.74 5.24
CA ALA D 88 22.12 -21.08 4.42
C ALA D 88 22.26 -19.62 4.84
N TRP D 89 21.16 -18.98 5.22
CA TRP D 89 21.18 -17.61 5.71
C TRP D 89 22.00 -17.49 6.99
N LYS D 90 21.66 -18.30 7.98
CA LYS D 90 22.37 -18.28 9.25
C LYS D 90 23.86 -18.52 9.05
N ALA D 91 24.20 -19.49 8.21
CA ALA D 91 25.61 -19.84 7.97
C ALA D 91 26.35 -18.71 7.27
N ALA D 92 25.65 -17.94 6.46
CA ALA D 92 26.27 -16.86 5.70
C ALA D 92 26.46 -15.60 6.54
N ILE D 93 25.52 -15.33 7.43
CA ILE D 93 25.52 -14.07 8.18
C ILE D 93 26.20 -14.19 9.53
N GLU D 94 26.53 -15.42 9.93
CA GLU D 94 27.15 -15.67 11.22
C GLU D 94 28.35 -14.78 11.45
P PO4 E . -7.32 -7.78 -2.62
O1 PO4 E . -7.24 -8.51 -3.95
O2 PO4 E . -6.08 -8.08 -1.83
O3 PO4 E . -7.44 -6.30 -2.85
O4 PO4 E . -8.53 -8.27 -1.85
#